data_8ROY
#
_entry.id   8ROY
#
_cell.length_a   1.00
_cell.length_b   1.00
_cell.length_c   1.00
_cell.angle_alpha   90.00
_cell.angle_beta   90.00
_cell.angle_gamma   90.00
#
_symmetry.space_group_name_H-M   'P 1'
#
loop_
_entity.id
_entity.type
_entity.pdbx_description
1 polymer 'DDB1- and CUL4-associated factor 15'
2 polymer 'DNA damage-binding protein 1'
3 polymer 'DET1- and DDB1-associated protein 1'
4 non-polymer 1-[5-[[3,4-bis(chloranyl)-1~{H}-indol-7-yl]sulfamoyl]-3-methyl-furan-2-yl]carbonyl-~{N}-methyl-piperidine-4-carboxamide
#
loop_
_entity_poly.entity_id
_entity_poly.type
_entity_poly.pdbx_seq_one_letter_code
_entity_poly.pdbx_strand_id
1 'polypeptide(L)'
;GSHMAPSSKSERNSGAGSGGGGPGGAGGKRAAGRRREHVLKQLERVKISGQLSPRLFRKLPPRVCVSLKNIVDEDFLYAG
HIFLGFSKCGRYVLSYTSSSGDDDFSFYIYHLYWWEFNVHSKLKLVRQVRLFQDEEIYSDLYLTVCEWPSDASKVIVFGF
NTRSANGMLMNMMMMSDENHRDIYVSTVAVPPPGRCAACQDASRAHPGDPNAQCLRHGFMLHTKYQVVYPFPTFQPAFQL
KKDQVVLLNTSYSLVACAVSVHSAGDRSFCQILYDHSTCPLAPASPPEPQSPELPPALPSFCPEAAPARSSGSPEPSPAI
AKAKEFVADIFRRAKEAKGGVPEEARPALCPGPSGSRCRAHSEPLALCGETAPRDSPPASEAPASEPGYVNYTKLYYVLE
SGEGTEPEDELEDDKISLPFVVTDLRGRNLRPMRERTAVQGQYLTVEQLTLDFEYVINEVIRHDATWGHQFCSFSDYDIV
ILEVCPETNQVLINIGLLLLAFPSPTEEGQLRPKTYHTSLKVAWDLNTGIFETVSVGDLTEVKGQTSGSVWSSYRKSCVD
MVMKWLVPESSGRYVNRMTNEALHKGCSLKVLADSERYTWIVL
;
A
2 'polypeptide(L)'
;MSYNYVVTAQKPTAVNGCVTGHFTSAEDLNLLIAKNTRLEIYVVTAEGLRPVKEVGMYGKIAVMELFRPKGESKDLLFIL
TAKYNACILEYKQSGESIDIITRAHGNVQDRIGRPSETGIIGIIDPECRMIGLRLYDGLFKVIPLDRDNKELKAFNIRLE
ELHVIDVKFLYGCQAPTICFVYQDPQGRHVKTYEVSLREKEFNKGPWKQENVEAEASMVIAVPEPFGGAIIIGQESITYH
NGDKYLAIAPPIIKQSTIVCHNRVDPNGSRYLLGDMEGRLFMLLLEKEEQMDGTVTLKDLRVELLGETSIAECLTYLDNG
VVFVGSRLGDSQLVKLNVDSNEQGSYVVAMETFTNLGPIVDMCVVDLERQGQGQLVTCSGAFKEGSLRIIRNGIGGNGNS
GEIQKLHIRTVPLYESPRKICYQEVSQCFGVLSSRIEVQDTSGGTTALRPSASTQALSSSVSSSKLFSSSTAPHETSFGE
EVEVHNLLIIDQHTFEVLHAHQFLQNEYALSLVSCKLGKDPNTYFIVGTAMVYPEEAEPKQGRIVVFQYSDGKLQTVAEK
EVKGAVYSMVEFNGKLLASINSTVRLYEWTTEKELRTECNHYNNIMALYLKTKGDFILVGDLMRSVLLLAYKPMEGNFEE
IARDFNPNWMSAVEILDDDNFLGAENAFNLFVCQKDSAATTDEERQHLQEVGLFHLGEFVNVFCHGSLVMQNLGETSTPT
QGSVLFGTVNGMIGLVTSLSESWYNLLLDMQNRLNKVIKSVGKIEHSFWRSFHTERKTEPATGFIDGDLIESFLDISRPK
MQEVVANLQYDDGSGMKREATADDLIKVVEELTRIH
;
B
3 'polypeptide(L)'
;MADFLKGLPVYNKSNFSRFHADSVCKASNRRPSVYLPTREYPSEQIIVTEKTNILLRYLHQQWDKKNAAKKRDQEQVELE
GESSAPPRKVARTDSPDMHEDT
;
D
#
# COMPACT_ATOMS: atom_id res chain seq x y z
N GLU A 37 9.36 -17.32 8.18
CA GLU A 37 9.33 -18.13 6.98
C GLU A 37 10.43 -17.72 6.01
N HIS A 38 11.55 -17.26 6.56
CA HIS A 38 12.69 -16.82 5.76
C HIS A 38 12.35 -15.50 5.07
N VAL A 39 13.36 -14.81 4.54
CA VAL A 39 13.16 -13.52 3.91
C VAL A 39 13.06 -13.72 2.40
N LEU A 40 13.81 -14.68 1.86
CA LEU A 40 13.78 -14.92 0.43
C LEU A 40 12.38 -15.29 -0.03
N LYS A 41 11.68 -16.12 0.75
CA LYS A 41 10.30 -16.45 0.41
C LYS A 41 9.43 -15.20 0.39
N GLN A 42 9.66 -14.28 1.35
CA GLN A 42 8.88 -13.05 1.36
C GLN A 42 9.12 -12.23 0.11
N LEU A 43 10.38 -12.12 -0.32
CA LEU A 43 10.67 -11.37 -1.55
C LEU A 43 10.04 -12.04 -2.76
N GLU A 44 10.12 -13.37 -2.84
CA GLU A 44 9.50 -14.07 -3.96
C GLU A 44 8.01 -13.83 -3.98
N ARG A 45 7.39 -13.84 -2.79
CA ARG A 45 5.93 -13.63 -2.65
C ARG A 45 5.57 -12.20 -3.03
N VAL A 46 6.45 -11.23 -2.75
CA VAL A 46 6.22 -9.83 -3.10
C VAL A 46 6.32 -9.64 -4.61
N LYS A 47 7.30 -10.29 -5.24
CA LYS A 47 7.52 -10.09 -6.66
C LYS A 47 6.27 -10.33 -7.49
N ILE A 48 5.43 -11.28 -7.08
CA ILE A 48 4.23 -11.64 -7.81
C ILE A 48 2.99 -10.97 -7.23
N SER A 49 2.86 -10.95 -5.91
CA SER A 49 1.67 -10.37 -5.30
C SER A 49 1.57 -8.88 -5.60
N GLY A 50 2.69 -8.17 -5.55
CA GLY A 50 2.67 -6.74 -5.71
C GLY A 50 2.37 -5.98 -4.43
N GLN A 51 2.31 -6.66 -3.30
CA GLN A 51 2.05 -6.03 -2.01
C GLN A 51 3.31 -6.15 -1.16
N LEU A 52 3.98 -5.02 -0.96
CA LEU A 52 5.20 -4.97 -0.16
C LEU A 52 5.03 -3.88 0.89
N SER A 53 4.90 -4.29 2.14
CA SER A 53 4.72 -3.35 3.24
C SER A 53 5.68 -3.67 4.36
N PRO A 54 6.06 -2.68 5.17
CA PRO A 54 6.98 -2.97 6.28
C PRO A 54 6.43 -3.97 7.27
N ARG A 55 5.11 -4.01 7.45
CA ARG A 55 4.52 -4.90 8.46
C ARG A 55 4.89 -6.35 8.20
N LEU A 56 4.85 -6.78 6.94
CA LEU A 56 5.17 -8.15 6.58
C LEU A 56 6.62 -8.52 6.90
N PHE A 57 7.49 -7.54 7.11
CA PHE A 57 8.90 -7.79 7.38
C PHE A 57 9.23 -7.78 8.86
N ARG A 58 8.23 -7.64 9.73
CA ARG A 58 8.50 -7.51 11.17
C ARG A 58 9.13 -8.78 11.72
N LYS A 59 8.74 -9.95 11.20
CA LYS A 59 9.19 -11.21 11.78
C LYS A 59 10.71 -11.32 11.73
N LEU A 60 11.32 -10.91 10.63
CA LEU A 60 12.76 -11.05 10.47
C LEU A 60 13.49 -10.16 11.47
N PRO A 61 14.69 -10.57 11.90
CA PRO A 61 15.46 -9.75 12.84
C PRO A 61 15.97 -8.48 12.18
N PRO A 62 16.67 -7.62 12.92
CA PRO A 62 17.20 -6.39 12.34
C PRO A 62 18.15 -6.67 11.19
N ARG A 63 18.16 -5.79 10.18
CA ARG A 63 19.02 -5.94 9.02
C ARG A 63 20.42 -5.37 9.23
N VAL A 64 20.55 -4.25 9.94
CA VAL A 64 21.83 -3.61 10.18
C VAL A 64 21.97 -3.32 11.66
N CYS A 65 23.14 -3.64 12.22
CA CYS A 65 23.45 -3.36 13.61
C CYS A 65 24.72 -2.53 13.66
N VAL A 66 25.00 -1.98 14.84
CA VAL A 66 26.16 -1.13 15.05
C VAL A 66 26.72 -1.40 16.44
N SER A 67 28.05 -1.39 16.55
CA SER A 67 28.69 -1.63 17.83
C SER A 67 28.58 -0.43 18.76
N LEU A 68 28.58 0.78 18.19
CA LEU A 68 28.52 2.01 18.97
C LEU A 68 29.75 2.16 19.86
N LYS A 69 30.81 1.42 19.55
CA LYS A 69 32.06 1.52 20.30
C LYS A 69 33.01 2.53 19.68
N ASN A 70 33.39 2.34 18.42
CA ASN A 70 34.24 3.29 17.73
C ASN A 70 33.46 4.53 17.31
N ILE A 71 32.21 4.36 16.89
CA ILE A 71 31.40 5.48 16.41
C ILE A 71 30.69 6.06 17.63
N VAL A 72 31.38 6.97 18.32
CA VAL A 72 30.84 7.63 19.50
C VAL A 72 31.66 8.88 19.76
N ASP A 73 31.06 9.83 20.47
CA ASP A 73 31.74 11.09 20.79
C ASP A 73 32.62 10.88 22.01
N GLU A 74 33.93 11.05 21.85
CA GLU A 74 34.87 10.89 22.95
C GLU A 74 34.79 9.48 23.53
N GLY A 80 31.38 13.21 26.43
CA GLY A 80 30.32 12.71 27.28
C GLY A 80 28.94 12.89 26.66
N HIS A 81 28.73 12.26 25.51
CA HIS A 81 27.45 12.37 24.81
C HIS A 81 26.45 11.36 25.37
N ILE A 82 25.18 11.78 25.41
CA ILE A 82 24.08 10.89 25.78
C ILE A 82 23.10 10.82 24.62
N PHE A 83 23.21 9.75 23.83
CA PHE A 83 22.39 9.59 22.64
C PHE A 83 20.92 9.43 23.01
N LEU A 84 20.04 10.03 22.21
CA LEU A 84 18.61 10.04 22.48
C LEU A 84 17.81 9.12 21.55
N GLY A 85 18.37 8.71 20.42
CA GLY A 85 17.69 7.81 19.51
C GLY A 85 17.70 8.28 18.07
N PHE A 86 17.18 7.46 17.16
CA PHE A 86 17.16 7.80 15.75
C PHE A 86 16.04 8.79 15.46
N SER A 87 16.14 9.44 14.31
CA SER A 87 15.12 10.38 13.85
C SER A 87 13.96 9.63 13.20
N LYS A 88 12.85 10.35 13.02
CA LYS A 88 11.71 9.76 12.34
C LYS A 88 12.07 9.38 10.91
N CYS A 89 12.80 10.26 10.21
CA CYS A 89 13.25 9.97 8.86
C CYS A 89 14.32 8.90 8.84
N GLY A 90 14.98 8.62 9.96
CA GLY A 90 16.04 7.67 10.00
C GLY A 90 17.36 8.16 9.44
N ARG A 91 17.51 9.47 9.26
CA ARG A 91 18.71 10.03 8.67
C ARG A 91 19.62 10.72 9.68
N TYR A 92 19.16 10.96 10.90
CA TYR A 92 19.98 11.54 11.95
C TYR A 92 19.85 10.74 13.23
N VAL A 93 20.71 11.06 14.19
CA VAL A 93 20.63 10.55 15.54
C VAL A 93 20.83 11.72 16.50
N LEU A 94 19.94 11.83 17.49
CA LEU A 94 20.00 12.96 18.41
C LEU A 94 20.86 12.62 19.62
N SER A 95 21.42 13.65 20.24
CA SER A 95 22.19 13.47 21.46
C SER A 95 22.36 14.80 22.18
N TYR A 96 22.77 14.73 23.43
CA TYR A 96 23.00 15.92 24.25
C TYR A 96 24.09 15.61 25.26
N THR A 97 24.63 16.67 25.86
CA THR A 97 25.77 16.57 26.77
C THR A 97 25.41 16.97 28.20
N SER A 98 24.88 18.17 28.41
CA SER A 98 24.61 18.63 29.77
C SER A 98 25.91 18.73 30.56
N SER A 99 26.82 19.58 30.12
CA SER A 99 28.08 19.79 30.83
C SER A 99 27.80 20.46 32.18
N PHE A 107 25.68 26.12 37.03
CA PHE A 107 24.93 26.32 35.80
C PHE A 107 25.25 25.22 34.79
N TYR A 108 24.30 24.97 33.88
CA TYR A 108 24.44 23.95 32.85
C TYR A 108 24.23 24.57 31.48
N ILE A 109 24.93 24.03 30.49
CA ILE A 109 24.85 24.50 29.12
C ILE A 109 23.87 23.66 28.30
N TYR A 110 23.94 22.34 28.43
CA TYR A 110 22.97 21.43 27.82
C TYR A 110 22.93 21.59 26.30
N HIS A 111 24.06 21.29 25.67
CA HIS A 111 24.14 21.31 24.22
C HIS A 111 23.52 20.05 23.63
N LEU A 112 22.94 20.20 22.44
CA LEU A 112 22.35 19.10 21.69
C LEU A 112 22.84 19.15 20.26
N TYR A 113 23.09 17.98 19.67
CA TYR A 113 23.63 17.88 18.33
C TYR A 113 22.87 16.83 17.52
N TRP A 114 22.89 17.02 16.21
CA TRP A 114 22.43 16.01 15.27
C TRP A 114 23.60 15.11 14.90
N TRP A 115 23.29 13.99 14.26
CA TRP A 115 24.31 13.01 13.87
C TRP A 115 23.85 12.29 12.61
N GLU A 116 24.37 12.70 11.47
CA GLU A 116 24.16 11.95 10.24
C GLU A 116 24.71 10.54 10.42
N PHE A 117 23.90 9.55 10.02
CA PHE A 117 24.20 8.16 10.31
C PHE A 117 24.47 7.38 9.04
N ASN A 118 25.46 6.48 9.11
CA ASN A 118 25.76 5.55 8.04
C ASN A 118 25.95 4.16 8.63
N VAL A 119 25.66 3.15 7.82
CA VAL A 119 25.67 1.77 8.31
C VAL A 119 27.07 1.40 8.80
N HIS A 120 28.09 1.73 8.00
CA HIS A 120 29.47 1.39 8.33
C HIS A 120 30.33 2.58 8.67
N SER A 121 30.07 3.75 8.08
CA SER A 121 30.87 4.93 8.34
C SER A 121 30.53 5.52 9.71
N LYS A 122 31.47 6.29 10.24
CA LYS A 122 31.27 6.92 11.53
C LYS A 122 30.25 8.06 11.42
N LEU A 123 29.57 8.31 12.53
CA LEU A 123 28.58 9.39 12.56
C LEU A 123 29.26 10.73 12.36
N LYS A 124 28.58 11.62 11.64
CA LYS A 124 29.08 12.97 11.36
C LYS A 124 28.07 13.98 11.90
N LEU A 125 28.47 14.75 12.90
CA LEU A 125 27.59 15.76 13.47
C LEU A 125 27.27 16.83 12.43
N VAL A 126 26.07 17.39 12.54
CA VAL A 126 25.59 18.39 11.59
C VAL A 126 25.28 19.71 12.28
N ARG A 127 24.67 19.67 13.46
CA ARG A 127 24.19 20.87 14.13
C ARG A 127 24.58 20.86 15.60
N GLN A 128 24.57 22.06 16.19
CA GLN A 128 24.87 22.25 17.59
C GLN A 128 23.99 23.38 18.11
N VAL A 129 23.34 23.16 19.25
CA VAL A 129 22.37 24.09 19.79
C VAL A 129 22.57 24.20 21.30
N ARG A 130 21.99 25.24 21.88
CA ARG A 130 21.98 25.47 23.32
C ARG A 130 20.71 24.92 23.96
N LEU A 131 19.55 25.34 23.47
CA LEU A 131 18.26 24.78 23.85
C LEU A 131 17.81 25.24 25.23
N PHE A 132 18.72 25.81 26.03
CA PHE A 132 18.45 26.40 27.34
C PHE A 132 19.32 27.66 27.40
N GLN A 133 18.72 28.80 27.07
CA GLN A 133 19.45 30.05 26.91
C GLN A 133 19.04 31.00 28.02
N ASP A 134 20.03 31.62 28.67
CA ASP A 134 19.76 32.62 29.69
C ASP A 134 19.15 31.98 30.95
N GLU A 135 19.30 30.67 31.09
CA GLU A 135 18.76 29.94 32.23
C GLU A 135 19.89 29.25 32.97
N GLU A 136 20.16 29.70 34.20
CA GLU A 136 21.19 29.10 35.03
C GLU A 136 20.56 27.92 35.76
N ILE A 137 20.80 26.71 35.24
CA ILE A 137 20.17 25.51 35.78
C ILE A 137 20.99 25.01 36.96
N TYR A 138 20.38 24.92 38.15
CA TYR A 138 21.07 24.44 39.38
C TYR A 138 20.49 23.07 39.77
N SER A 139 19.83 22.37 38.84
CA SER A 139 19.21 21.04 39.08
C SER A 139 19.71 20.04 38.05
N ASP A 140 19.55 18.74 38.30
CA ASP A 140 20.02 17.67 37.38
C ASP A 140 19.36 17.86 36.01
N LEU A 141 18.03 17.92 35.94
CA LEU A 141 17.25 18.14 34.68
C LEU A 141 17.05 16.79 33.96
N TYR A 142 15.95 16.64 33.20
CA TYR A 142 15.63 15.39 32.45
C TYR A 142 15.16 15.79 31.05
N LEU A 143 15.88 15.36 30.00
CA LEU A 143 15.58 15.79 28.61
C LEU A 143 14.78 14.72 27.87
N THR A 144 13.81 15.12 27.02
CA THR A 144 13.09 14.18 26.17
C THR A 144 12.66 14.94 24.92
N VAL A 145 13.16 14.52 23.77
CA VAL A 145 12.89 15.17 22.49
C VAL A 145 11.87 14.35 21.73
N CYS A 146 11.00 15.04 20.97
CA CYS A 146 9.97 14.39 20.20
C CYS A 146 9.63 15.23 18.98
N GLU A 147 9.36 14.57 17.86
CA GLU A 147 9.07 15.24 16.61
C GLU A 147 7.58 15.26 16.34
N TRP A 148 7.17 16.15 15.44
CA TRP A 148 5.76 16.31 15.12
C TRP A 148 5.26 15.15 14.27
N PRO A 149 3.95 14.95 14.21
CA PRO A 149 3.43 13.83 13.40
C PRO A 149 3.73 13.96 11.93
N SER A 150 3.37 15.08 11.32
CA SER A 150 3.59 15.32 9.90
C SER A 150 4.71 16.33 9.65
N ASP A 151 4.64 17.51 10.27
CA ASP A 151 5.68 18.51 10.09
C ASP A 151 7.02 17.94 10.54
N ALA A 152 8.05 18.15 9.72
CA ALA A 152 9.40 17.68 10.00
C ALA A 152 10.39 18.82 9.86
N SER A 153 9.95 20.03 10.20
CA SER A 153 10.80 21.21 10.15
C SER A 153 11.36 21.60 11.51
N LYS A 154 10.88 20.99 12.59
CA LYS A 154 11.35 21.32 13.92
C LYS A 154 11.01 20.18 14.86
N VAL A 155 11.65 20.20 16.02
CA VAL A 155 11.37 19.26 17.10
C VAL A 155 11.26 20.06 18.39
N ILE A 156 10.59 19.48 19.37
CA ILE A 156 10.35 20.13 20.66
C ILE A 156 11.08 19.31 21.72
N VAL A 157 11.93 19.99 22.49
CA VAL A 157 12.64 19.36 23.60
C VAL A 157 12.03 19.85 24.91
N PHE A 158 11.96 18.96 25.89
CA PHE A 158 11.38 19.26 27.19
C PHE A 158 12.43 19.08 28.28
N GLY A 159 12.32 19.89 29.33
CA GLY A 159 13.22 19.81 30.47
C GLY A 159 12.47 19.60 31.76
N PHE A 160 12.92 18.64 32.58
CA PHE A 160 12.25 18.30 33.83
C PHE A 160 13.32 18.20 34.93
N ASN A 161 13.46 19.28 35.69
CA ASN A 161 14.43 19.31 36.78
C ASN A 161 13.72 19.26 38.13
N ASN A 179 9.18 24.35 46.45
CA ASN A 179 8.10 23.38 46.35
C ASN A 179 7.48 23.41 44.96
N HIS A 180 7.58 24.56 44.29
CA HIS A 180 7.06 24.71 42.94
C HIS A 180 8.12 24.29 41.92
N ARG A 181 7.66 23.71 40.83
CA ARG A 181 8.54 23.20 39.78
C ARG A 181 8.53 24.12 38.57
N ASP A 182 9.57 23.99 37.76
CA ASP A 182 9.71 24.74 36.52
C ASP A 182 10.09 23.78 35.41
N ILE A 183 9.62 24.07 34.20
CA ILE A 183 9.85 23.23 33.03
C ILE A 183 10.43 24.09 31.92
N TYR A 184 11.48 23.59 31.27
CA TYR A 184 12.10 24.26 30.14
C TYR A 184 11.69 23.54 28.87
N VAL A 185 11.02 24.26 27.98
CA VAL A 185 10.59 23.73 26.68
C VAL A 185 11.09 24.68 25.62
N SER A 186 11.76 24.15 24.60
CA SER A 186 12.32 24.94 23.52
C SER A 186 12.29 24.14 22.24
N THR A 187 11.78 24.75 21.17
CA THR A 187 11.82 24.13 19.86
C THR A 187 13.12 24.48 19.16
N VAL A 188 13.59 23.57 18.31
CA VAL A 188 14.80 23.75 17.53
C VAL A 188 14.50 23.34 16.09
N ALA A 189 14.85 24.20 15.14
CA ALA A 189 14.65 23.88 13.75
C ALA A 189 15.63 22.79 13.31
N VAL A 190 15.14 21.85 12.51
CA VAL A 190 15.97 20.74 12.02
C VAL A 190 16.88 21.26 10.91
N PRO A 191 17.99 20.58 10.61
CA PRO A 191 18.85 21.04 9.54
C PRO A 191 18.12 20.98 8.21
N PRO A 192 18.45 21.88 7.29
CA PRO A 192 17.80 21.83 5.97
C PRO A 192 18.15 20.55 5.24
N PRO A 193 17.25 20.03 4.41
CA PRO A 193 17.58 18.79 3.69
C PRO A 193 18.83 18.90 2.84
N GLY A 194 19.05 20.06 2.21
CA GLY A 194 20.22 20.25 1.37
C GLY A 194 19.96 21.18 0.20
N CYS A 214 14.41 27.60 1.15
CA CYS A 214 15.24 28.75 1.51
C CYS A 214 16.61 28.30 2.00
N LEU A 215 16.61 27.27 2.85
CA LEU A 215 17.81 26.65 3.41
C LEU A 215 18.51 27.55 4.42
N ARG A 216 18.00 28.74 4.69
CA ARG A 216 18.68 29.70 5.56
C ARG A 216 17.94 29.96 6.86
N HIS A 217 16.62 29.87 6.89
CA HIS A 217 15.84 30.24 8.08
C HIS A 217 15.77 29.05 9.03
N GLY A 218 16.54 29.14 10.12
CA GLY A 218 16.50 28.17 11.18
C GLY A 218 16.51 28.85 12.53
N PHE A 219 15.53 28.52 13.38
CA PHE A 219 15.30 29.24 14.63
C PHE A 219 15.19 28.26 15.78
N MET A 220 15.14 28.81 16.99
CA MET A 220 14.97 27.98 18.19
C MET A 220 14.42 28.88 19.29
N LEU A 221 13.19 28.62 19.71
CA LEU A 221 12.56 29.42 20.76
C LEU A 221 12.84 28.82 22.13
N HIS A 222 12.73 29.67 23.15
CA HIS A 222 12.92 29.26 24.54
C HIS A 222 11.78 29.83 25.38
N THR A 223 11.47 29.14 26.47
CA THR A 223 10.44 29.61 27.39
C THR A 223 10.42 28.70 28.61
N LYS A 224 9.96 29.26 29.72
CA LYS A 224 9.84 28.54 30.97
C LYS A 224 8.49 28.85 31.60
N TYR A 225 7.81 27.82 32.09
CA TYR A 225 6.56 27.97 32.81
C TYR A 225 6.64 27.17 34.10
N GLN A 226 6.33 27.83 35.22
CA GLN A 226 6.38 27.18 36.52
C GLN A 226 5.03 26.56 36.85
N VAL A 227 5.06 25.37 37.45
CA VAL A 227 3.86 24.62 37.79
C VAL A 227 3.69 24.63 39.30
N VAL A 228 2.45 24.42 39.74
CA VAL A 228 2.13 24.41 41.16
C VAL A 228 2.57 23.08 41.76
N TYR A 229 2.56 23.01 43.09
CA TYR A 229 3.01 21.84 43.83
C TYR A 229 2.37 20.57 43.26
N PRO A 230 1.04 20.55 43.05
CA PRO A 230 0.45 19.40 42.36
C PRO A 230 0.79 19.42 40.87
N PHE A 231 1.99 18.93 40.55
CA PHE A 231 2.52 19.10 39.20
C PHE A 231 1.59 18.45 38.18
N PRO A 232 1.36 19.09 37.03
CA PRO A 232 0.44 18.53 36.05
C PRO A 232 1.04 17.35 35.31
N THR A 233 0.16 16.59 34.67
CA THR A 233 0.58 15.46 33.85
C THR A 233 1.27 15.95 32.58
N PHE A 234 2.08 15.07 31.99
CA PHE A 234 2.86 15.37 30.80
C PHE A 234 2.66 14.24 29.81
N GLN A 235 2.24 14.59 28.59
CA GLN A 235 1.84 13.59 27.59
C GLN A 235 2.10 14.16 26.20
N PRO A 236 3.25 13.85 25.60
CA PRO A 236 3.56 14.42 24.28
C PRO A 236 2.56 14.07 23.19
N ALA A 237 2.03 12.85 23.19
CA ALA A 237 1.29 12.36 22.04
C ALA A 237 0.16 13.33 21.67
N PHE A 238 -0.66 13.71 22.66
CA PHE A 238 -1.73 14.66 22.41
C PHE A 238 -1.25 16.10 22.41
N GLN A 239 -0.20 16.42 23.17
CA GLN A 239 0.28 17.79 23.20
C GLN A 239 0.75 18.24 21.82
N LEU A 240 1.44 17.35 21.10
CA LEU A 240 1.96 17.66 19.77
C LEU A 240 1.14 17.02 18.66
N LYS A 241 -0.04 16.48 18.98
CA LYS A 241 -0.86 15.86 17.95
C LYS A 241 -1.24 16.86 16.87
N LYS A 242 -1.37 18.13 17.23
CA LYS A 242 -1.61 19.16 16.23
C LYS A 242 -0.38 19.30 15.34
N ASP A 243 -0.61 19.72 14.10
CA ASP A 243 0.47 19.71 13.11
C ASP A 243 1.60 20.66 13.51
N GLN A 244 1.25 21.84 14.02
CA GLN A 244 2.25 22.81 14.46
C GLN A 244 1.96 23.42 15.82
N VAL A 245 0.94 22.96 16.53
CA VAL A 245 0.56 23.52 17.82
C VAL A 245 0.98 22.55 18.92
N VAL A 246 1.63 23.09 19.95
CA VAL A 246 2.01 22.32 21.13
C VAL A 246 1.23 22.89 22.31
N LEU A 247 0.56 22.01 23.06
CA LEU A 247 -0.27 22.43 24.16
C LEU A 247 0.50 22.35 25.46
N LEU A 248 0.63 23.48 26.14
CA LEU A 248 1.34 23.57 27.42
C LEU A 248 0.30 23.79 28.52
N ASN A 249 0.28 22.88 29.49
CA ASN A 249 -0.60 23.01 30.64
C ASN A 249 0.20 23.59 31.79
N THR A 250 -0.11 24.83 32.16
CA THR A 250 0.66 25.57 33.15
C THR A 250 0.07 25.49 34.54
N SER A 251 -0.93 24.62 34.75
CA SER A 251 -1.58 24.46 36.05
C SER A 251 -2.53 25.62 36.33
N TYR A 252 -2.50 26.65 35.48
CA TYR A 252 -3.50 27.72 35.53
C TYR A 252 -4.10 27.97 34.16
N SER A 253 -3.59 27.36 33.11
CA SER A 253 -4.10 27.56 31.76
C SER A 253 -3.65 26.38 30.90
N LEU A 254 -4.11 26.37 29.66
CA LEU A 254 -3.75 25.34 28.68
C LEU A 254 -3.22 26.00 27.42
N VAL A 255 -2.34 26.98 27.60
CA VAL A 255 -1.80 27.75 26.48
C VAL A 255 -1.31 26.79 25.40
N ALA A 256 -1.62 27.13 24.15
CA ALA A 256 -1.24 26.32 22.99
C ALA A 256 -0.54 27.23 21.99
N CYS A 257 0.78 27.24 22.02
CA CYS A 257 1.58 28.10 21.16
C CYS A 257 1.81 27.41 19.82
N ALA A 258 1.51 28.13 18.74
CA ALA A 258 1.71 27.64 17.38
C ALA A 258 2.72 28.54 16.69
N VAL A 259 3.73 27.92 16.08
CA VAL A 259 4.82 28.64 15.42
C VAL A 259 4.89 28.20 13.97
N SER A 260 4.96 29.16 13.06
CA SER A 260 5.10 28.87 11.64
C SER A 260 5.91 29.98 10.99
N VAL A 261 6.52 29.64 9.85
CA VAL A 261 7.35 30.57 9.08
C VAL A 261 6.79 30.65 7.67
N HIS A 262 6.61 31.87 7.18
CA HIS A 262 6.10 32.09 5.84
C HIS A 262 6.05 33.58 5.52
N SER A 268 -3.50 31.85 7.42
CA SER A 268 -2.35 32.50 8.03
C SER A 268 -2.50 32.58 9.55
N PHE A 269 -3.63 32.10 10.06
CA PHE A 269 -3.89 32.06 11.49
C PHE A 269 -4.43 30.69 11.86
N CYS A 270 -4.10 30.24 13.07
CA CYS A 270 -4.56 28.95 13.55
C CYS A 270 -5.25 29.03 14.91
N GLN A 271 -4.76 29.85 15.83
CA GLN A 271 -5.29 29.85 17.19
C GLN A 271 -6.72 30.37 17.22
N ILE A 272 -6.97 31.53 16.62
CA ILE A 272 -8.29 32.15 16.63
C ILE A 272 -8.72 32.35 15.18
N LEU A 273 -8.38 31.39 14.33
CA LEU A 273 -8.57 31.56 12.89
C LEU A 273 -10.00 31.96 12.54
N TYR A 274 -10.97 31.46 13.30
CA TYR A 274 -12.38 31.76 13.02
C TYR A 274 -12.76 31.25 11.64
N VAL A 421 3.10 32.61 30.05
CA VAL A 421 4.15 32.03 29.21
C VAL A 421 4.76 33.10 28.32
N VAL A 422 6.06 33.34 28.53
CA VAL A 422 6.82 34.30 27.74
C VAL A 422 7.87 33.52 26.96
N THR A 423 7.95 33.79 25.65
CA THR A 423 8.86 33.09 24.76
C THR A 423 9.91 34.07 24.24
N ASP A 424 11.16 33.64 24.25
CA ASP A 424 12.27 34.43 23.71
C ASP A 424 12.65 33.91 22.32
N LEU A 425 13.25 34.79 21.54
CA LEU A 425 13.69 34.45 20.19
C LEU A 425 15.17 34.18 20.18
N ARG A 426 15.57 33.20 19.36
CA ARG A 426 16.96 32.78 19.27
C ARG A 426 17.23 32.38 17.82
N GLY A 427 18.33 31.66 17.62
CA GLY A 427 18.71 31.21 16.29
C GLY A 427 19.87 32.01 15.73
N ARG A 428 20.85 31.33 15.15
CA ARG A 428 22.03 31.98 14.59
C ARG A 428 22.76 32.79 15.67
N ASN A 429 22.67 32.31 16.91
CA ASN A 429 23.31 32.99 18.03
C ASN A 429 22.85 34.44 18.12
N LEU A 430 21.56 34.69 17.85
CA LEU A 430 21.00 36.02 17.92
C LEU A 430 19.55 35.93 18.36
N ARG A 431 19.06 37.01 18.96
CA ARG A 431 17.67 37.06 19.44
C ARG A 431 16.92 38.16 18.70
N PRO A 432 16.47 37.90 17.47
CA PRO A 432 15.80 38.95 16.69
C PRO A 432 14.38 39.17 17.17
N MET A 433 13.79 40.26 16.68
CA MET A 433 12.40 40.59 17.00
C MET A 433 11.47 39.78 16.10
N ARG A 434 10.51 39.10 16.73
CA ARG A 434 9.60 38.23 16.00
C ARG A 434 8.49 39.02 15.34
N GLN A 442 11.81 35.00 5.25
CA GLN A 442 10.44 34.99 5.74
C GLN A 442 10.38 35.50 7.17
N TYR A 443 9.23 35.30 7.81
CA TYR A 443 9.02 35.73 9.18
C TYR A 443 8.36 34.61 9.98
N LEU A 444 8.71 34.54 11.26
CA LEU A 444 8.12 33.56 12.15
C LEU A 444 6.82 34.10 12.73
N THR A 445 6.07 33.24 13.41
CA THR A 445 4.79 33.60 13.99
C THR A 445 4.64 32.95 15.35
N VAL A 446 3.87 33.59 16.22
CA VAL A 446 3.59 33.06 17.56
C VAL A 446 2.15 33.45 17.91
N GLU A 447 1.30 32.45 18.15
CA GLU A 447 -0.10 32.69 18.48
C GLU A 447 -0.29 32.77 19.99
N GLN A 448 0.04 31.69 20.70
CA GLN A 448 -0.04 31.64 22.16
C GLN A 448 -1.46 31.97 22.63
N LEU A 449 -2.40 31.12 22.23
CA LEU A 449 -3.79 31.24 22.67
C LEU A 449 -3.96 30.55 24.01
N THR A 450 -4.64 31.23 24.93
CA THR A 450 -4.72 30.80 26.32
C THR A 450 -6.14 30.42 26.70
N LEU A 451 -6.24 29.58 27.73
CA LEU A 451 -7.50 29.20 28.33
C LEU A 451 -7.38 29.33 29.84
N ASP A 452 -8.43 29.86 30.47
CA ASP A 452 -8.43 30.12 31.91
C ASP A 452 -9.20 29.00 32.60
N PHE A 453 -8.48 28.15 33.34
CA PHE A 453 -9.11 27.02 34.01
C PHE A 453 -10.05 27.48 35.11
N GLU A 454 -9.58 28.39 35.97
CA GLU A 454 -10.44 28.87 37.06
C GLU A 454 -11.69 29.54 36.50
N TYR A 455 -11.52 30.39 35.50
CA TYR A 455 -12.68 31.07 34.91
C TYR A 455 -13.63 30.08 34.26
N VAL A 456 -13.10 29.09 33.55
CA VAL A 456 -13.95 28.10 32.89
C VAL A 456 -14.74 27.30 33.92
N ILE A 457 -14.06 26.87 34.99
CA ILE A 457 -14.73 26.08 36.02
C ILE A 457 -15.82 26.92 36.69
N ASN A 458 -15.50 28.18 37.00
CA ASN A 458 -16.50 29.04 37.64
C ASN A 458 -17.71 29.22 36.74
N GLU A 459 -17.47 29.48 35.45
CA GLU A 459 -18.59 29.66 34.53
C GLU A 459 -19.42 28.39 34.42
N VAL A 460 -18.76 27.23 34.34
CA VAL A 460 -19.49 25.97 34.16
C VAL A 460 -20.35 25.68 35.38
N ILE A 461 -19.76 25.78 36.58
CA ILE A 461 -20.52 25.50 37.79
C ILE A 461 -21.66 26.50 37.92
N ARG A 462 -21.40 27.77 37.61
CA ARG A 462 -22.47 28.78 37.68
C ARG A 462 -23.59 28.45 36.71
N HIS A 463 -23.25 28.01 35.50
CA HIS A 463 -24.21 27.80 34.43
C HIS A 463 -24.57 26.32 34.23
N ASP A 464 -24.15 25.44 35.15
CA ASP A 464 -24.47 24.03 35.03
C ASP A 464 -24.31 23.38 36.40
N ALA A 465 -24.24 22.05 36.42
CA ALA A 465 -24.08 21.28 37.64
C ALA A 465 -25.38 21.25 38.44
N THR A 466 -25.69 20.09 39.03
CA THR A 466 -26.93 19.97 39.78
C THR A 466 -26.89 20.74 41.08
N TRP A 467 -25.72 20.80 41.71
CA TRP A 467 -25.56 21.42 43.03
C TRP A 467 -25.20 22.90 42.91
N GLY A 468 -26.03 23.64 42.17
CA GLY A 468 -25.86 25.07 42.04
C GLY A 468 -26.26 25.87 43.26
N HIS A 469 -26.94 25.24 44.22
CA HIS A 469 -27.34 25.89 45.45
C HIS A 469 -26.37 25.63 46.60
N GLN A 470 -25.25 24.97 46.33
CA GLN A 470 -24.27 24.68 47.37
C GLN A 470 -22.90 24.50 46.72
N PHE A 471 -21.89 24.31 47.57
CA PHE A 471 -20.52 24.09 47.13
C PHE A 471 -20.02 25.27 46.28
N CYS A 472 -19.95 26.43 46.94
CA CYS A 472 -19.44 27.64 46.30
C CYS A 472 -17.92 27.66 46.41
N SER A 473 -17.25 27.85 45.28
CA SER A 473 -15.80 27.92 45.24
C SER A 473 -15.19 26.54 45.43
N PHE A 474 -13.88 26.41 45.18
CA PHE A 474 -13.18 25.13 45.28
C PHE A 474 -11.77 25.38 45.81
N SER A 475 -11.08 24.28 46.13
CA SER A 475 -9.74 24.35 46.68
C SER A 475 -8.66 24.23 45.61
N ASP A 476 -8.65 23.13 44.87
CA ASP A 476 -7.63 22.91 43.85
C ASP A 476 -8.19 21.94 42.81
N TYR A 477 -7.53 21.89 41.66
CA TYR A 477 -8.00 21.04 40.57
C TYR A 477 -6.81 20.59 39.72
N ASP A 478 -7.04 19.53 38.97
CA ASP A 478 -6.08 19.00 38.01
C ASP A 478 -6.78 18.78 36.68
N ILE A 479 -6.09 19.09 35.58
CA ILE A 479 -6.65 18.99 34.24
C ILE A 479 -5.76 18.08 33.41
N VAL A 480 -6.37 17.13 32.70
CA VAL A 480 -5.66 16.23 31.81
C VAL A 480 -6.39 16.20 30.47
N ILE A 481 -5.63 16.13 29.39
CA ILE A 481 -6.17 16.11 28.04
C ILE A 481 -6.56 14.68 27.70
N LEU A 482 -7.82 14.50 27.27
CA LEU A 482 -8.32 13.18 26.91
C LEU A 482 -8.05 12.85 25.44
N GLU A 483 -8.46 13.72 24.52
CA GLU A 483 -8.27 13.48 23.10
C GLU A 483 -8.26 14.81 22.37
N VAL A 484 -7.40 14.90 21.36
CA VAL A 484 -7.26 16.09 20.53
C VAL A 484 -7.65 15.72 19.11
N CYS A 485 -8.46 16.57 18.48
CA CYS A 485 -9.05 16.30 17.16
C CYS A 485 -8.55 17.34 16.18
N PRO A 486 -7.44 17.09 15.49
CA PRO A 486 -6.94 18.09 14.52
C PRO A 486 -7.86 18.32 13.34
N GLU A 487 -8.79 17.40 13.07
CA GLU A 487 -9.67 17.56 11.92
C GLU A 487 -10.51 18.83 12.05
N THR A 488 -11.04 19.09 13.25
CA THR A 488 -11.85 20.27 13.52
C THR A 488 -11.26 21.15 14.61
N ASN A 489 -10.04 20.87 15.05
CA ASN A 489 -9.34 21.71 16.02
C ASN A 489 -10.12 21.81 17.32
N GLN A 490 -10.30 20.66 17.95
CA GLN A 490 -10.96 20.56 19.25
C GLN A 490 -10.14 19.68 20.17
N VAL A 491 -10.21 19.98 21.47
CA VAL A 491 -9.45 19.27 22.49
C VAL A 491 -10.38 18.92 23.63
N LEU A 492 -10.18 17.73 24.21
CA LEU A 492 -10.96 17.27 25.35
C LEU A 492 -10.09 17.27 26.59
N ILE A 493 -10.62 17.82 27.68
CA ILE A 493 -9.89 17.96 28.93
C ILE A 493 -10.75 17.43 30.06
N ASN A 494 -10.17 16.57 30.90
CA ASN A 494 -10.84 16.05 32.09
C ASN A 494 -10.36 16.85 33.29
N ILE A 495 -11.29 17.46 34.01
CA ILE A 495 -10.98 18.34 35.13
C ILE A 495 -11.54 17.70 36.39
N GLY A 496 -10.68 17.55 37.40
CA GLY A 496 -11.09 17.08 38.73
C GLY A 496 -10.91 18.20 39.74
N LEU A 497 -11.84 18.30 40.67
CA LEU A 497 -11.85 19.35 41.67
C LEU A 497 -11.99 18.74 43.07
N LEU A 498 -11.89 19.61 44.07
CA LEU A 498 -12.04 19.22 45.47
C LEU A 498 -12.88 20.26 46.21
N LEU A 499 -13.96 20.69 45.57
CA LEU A 499 -14.81 21.71 46.16
C LEU A 499 -15.47 21.22 47.44
N LEU A 500 -15.62 22.11 48.40
CA LEU A 500 -16.26 21.79 49.67
C LEU A 500 -17.75 22.10 49.60
N PRO A 513 -18.74 22.64 55.97
CA PRO A 513 -18.28 21.40 56.61
C PRO A 513 -18.60 20.16 55.78
N LYS A 514 -18.25 20.18 54.50
CA LYS A 514 -18.51 19.05 53.62
C LYS A 514 -17.47 19.07 52.49
N THR A 515 -16.50 18.15 52.57
CA THR A 515 -15.43 18.06 51.59
C THR A 515 -15.63 16.79 50.76
N TYR A 516 -15.60 16.94 49.44
CA TYR A 516 -15.82 15.81 48.54
C TYR A 516 -15.06 16.06 47.25
N HIS A 517 -14.86 14.98 46.49
CA HIS A 517 -14.14 15.01 45.23
C HIS A 517 -15.13 14.86 44.08
N THR A 518 -14.93 15.66 43.03
CA THR A 518 -15.81 15.69 41.88
C THR A 518 -14.96 15.75 40.61
N SER A 519 -15.54 15.28 39.51
CA SER A 519 -14.90 15.30 38.20
C SER A 519 -15.71 16.17 37.25
N LEU A 520 -15.15 16.41 36.07
CA LEU A 520 -15.81 17.22 35.05
C LEU A 520 -15.11 16.99 33.72
N LYS A 521 -15.71 17.53 32.66
CA LYS A 521 -15.14 17.44 31.33
C LYS A 521 -15.60 18.64 30.51
N VAL A 522 -14.81 19.00 29.51
CA VAL A 522 -15.10 20.14 28.64
C VAL A 522 -14.41 19.92 27.31
N ALA A 523 -15.02 20.42 26.25
CA ALA A 523 -14.48 20.36 24.90
C ALA A 523 -14.17 21.78 24.44
N TRP A 524 -12.89 22.10 24.31
CA TRP A 524 -12.46 23.44 23.94
C TRP A 524 -12.20 23.50 22.44
N ASP A 525 -12.92 24.38 21.75
CA ASP A 525 -12.77 24.53 20.31
C ASP A 525 -11.69 25.58 20.02
N LEU A 526 -10.63 25.16 19.33
CA LEU A 526 -9.55 26.09 19.04
C LEU A 526 -10.01 27.23 18.15
N ASN A 527 -10.84 26.92 17.15
CA ASN A 527 -11.16 27.91 16.12
C ASN A 527 -11.82 29.15 16.72
N THR A 528 -12.76 28.95 17.64
CA THR A 528 -13.55 30.05 18.21
C THR A 528 -13.09 30.42 19.61
N GLY A 529 -11.82 30.19 19.92
CA GLY A 529 -11.25 30.64 21.18
C GLY A 529 -11.79 29.94 22.40
N ILE A 530 -12.07 30.72 23.46
CA ILE A 530 -12.45 30.16 24.75
C ILE A 530 -13.89 29.72 24.72
N PHE A 531 -14.12 28.45 24.37
CA PHE A 531 -15.46 27.87 24.29
C PHE A 531 -15.50 26.63 25.17
N GLU A 532 -15.93 26.81 26.43
CA GLU A 532 -16.04 25.71 27.38
C GLU A 532 -17.40 25.06 27.19
N THR A 533 -17.48 24.15 26.22
CA THR A 533 -18.72 23.41 25.96
C THR A 533 -18.74 22.18 26.83
N VAL A 534 -19.37 22.30 28.01
CA VAL A 534 -19.38 21.20 28.96
C VAL A 534 -19.93 19.94 28.29
N SER A 535 -19.47 18.78 28.77
CA SER A 535 -19.94 17.51 28.26
C SER A 535 -20.11 16.46 29.35
N VAL A 536 -19.98 16.82 30.62
CA VAL A 536 -20.18 15.88 31.71
C VAL A 536 -20.32 16.66 33.01
N GLY A 537 -21.14 16.16 33.92
CA GLY A 537 -21.25 16.71 35.26
C GLY A 537 -21.29 15.61 36.29
N ASP A 538 -20.34 15.63 37.23
CA ASP A 538 -20.25 14.58 38.23
C ASP A 538 -20.81 15.07 39.58
N LEU A 539 -20.71 14.22 40.59
CA LEU A 539 -21.18 14.52 41.93
C LEU A 539 -20.02 14.46 42.93
N THR A 540 -20.19 15.15 44.04
CA THR A 540 -19.18 15.25 45.09
C THR A 540 -19.41 14.14 46.10
N GLU A 541 -18.40 13.29 46.28
CA GLU A 541 -18.46 12.19 47.23
C GLU A 541 -17.25 12.24 48.15
N VAL A 542 -17.44 11.77 49.38
CA VAL A 542 -16.37 11.76 50.37
C VAL A 542 -15.17 11.00 49.84
N VAL A 550 -6.65 10.60 45.80
CA VAL A 550 -7.80 11.00 44.97
C VAL A 550 -7.32 11.40 43.58
N TRP A 551 -6.23 12.17 43.54
CA TRP A 551 -5.67 12.58 42.26
C TRP A 551 -5.18 11.38 41.46
N SER A 552 -4.54 10.43 42.13
CA SER A 552 -4.11 9.21 41.46
C SER A 552 -5.31 8.44 40.92
N SER A 553 -6.40 8.41 41.67
CA SER A 553 -7.61 7.75 41.18
C SER A 553 -8.13 8.43 39.92
N TYR A 554 -8.16 9.77 39.91
CA TYR A 554 -8.60 10.48 38.72
C TYR A 554 -7.70 10.18 37.53
N ARG A 555 -6.38 10.15 37.76
CA ARG A 555 -5.46 9.82 36.67
C ARG A 555 -5.70 8.42 36.14
N LYS A 556 -5.89 7.45 37.04
CA LYS A 556 -6.15 6.08 36.62
C LYS A 556 -7.42 5.99 35.79
N SER A 557 -8.49 6.65 36.27
CA SER A 557 -9.75 6.64 35.52
C SER A 557 -9.57 7.26 34.14
N CYS A 558 -8.86 8.38 34.07
CA CYS A 558 -8.67 9.05 32.79
C CYS A 558 -7.87 8.19 31.83
N VAL A 559 -6.79 7.57 32.30
CA VAL A 559 -5.98 6.73 31.42
C VAL A 559 -6.79 5.54 30.93
N ASP A 560 -7.58 4.93 31.82
CA ASP A 560 -8.42 3.82 31.39
C ASP A 560 -9.43 4.27 30.35
N MET A 561 -10.04 5.44 30.55
CA MET A 561 -11.04 5.92 29.61
C MET A 561 -10.43 6.17 28.24
N VAL A 562 -9.24 6.79 28.20
CA VAL A 562 -8.61 7.05 26.91
C VAL A 562 -8.17 5.76 26.25
N MET A 563 -7.69 4.80 27.04
CA MET A 563 -7.30 3.52 26.48
C MET A 563 -8.48 2.79 25.86
N LYS A 564 -9.64 2.84 26.52
CA LYS A 564 -10.81 2.13 26.02
C LYS A 564 -11.19 2.60 24.62
N TRP A 565 -11.04 3.89 24.35
CA TRP A 565 -11.47 4.48 23.10
C TRP A 565 -10.32 4.70 22.12
N LEU A 566 -9.15 4.15 22.42
CA LEU A 566 -7.98 4.38 21.56
C LEU A 566 -8.21 3.73 20.19
N VAL A 567 -7.98 4.49 19.14
CA VAL A 567 -8.05 4.00 17.76
C VAL A 567 -6.63 4.01 17.19
N PRO A 568 -6.12 2.90 16.68
CA PRO A 568 -4.75 2.88 16.16
C PRO A 568 -4.56 3.91 15.05
N GLU A 569 -3.38 4.51 15.01
CA GLU A 569 -3.03 5.52 14.03
C GLU A 569 -1.96 4.99 13.09
N SER A 570 -1.97 5.51 11.86
CA SER A 570 -1.04 5.06 10.85
C SER A 570 0.40 5.37 11.26
N SER A 571 1.32 4.51 10.82
CA SER A 571 2.72 4.73 11.14
C SER A 571 3.25 6.01 10.50
N GLY A 572 2.56 6.52 9.47
CA GLY A 572 3.00 7.75 8.85
C GLY A 572 3.01 8.92 9.80
N ARG A 573 1.98 9.03 10.64
CA ARG A 573 1.84 10.12 11.59
C ARG A 573 1.84 9.56 13.00
N TYR A 574 2.78 10.02 13.81
CA TYR A 574 2.83 9.66 15.22
C TYR A 574 3.90 10.50 15.89
N VAL A 575 3.67 10.84 17.15
CA VAL A 575 4.60 11.68 17.90
C VAL A 575 5.68 10.78 18.49
N ASN A 576 6.81 10.67 17.79
CA ASN A 576 7.91 9.87 18.29
C ASN A 576 8.56 10.55 19.48
N ARG A 577 8.79 9.79 20.54
CA ARG A 577 9.40 10.29 21.77
C ARG A 577 10.70 9.55 22.01
N MET A 578 11.77 10.30 22.25
CA MET A 578 13.09 9.75 22.51
C MET A 578 13.64 10.38 23.78
N THR A 579 14.24 9.56 24.65
CA THR A 579 14.82 10.06 25.87
C THR A 579 15.85 9.07 26.39
N ASN A 580 16.82 9.58 27.15
CA ASN A 580 17.86 8.74 27.75
C ASN A 580 18.57 9.49 28.86
N LEU A 592 19.27 2.20 21.33
CA LEU A 592 18.63 2.81 20.18
C LEU A 592 18.21 1.75 19.16
N ALA A 593 17.16 2.03 18.41
CA ALA A 593 16.66 1.09 17.41
C ALA A 593 15.68 1.82 16.49
N ASP A 594 15.84 1.60 15.19
CA ASP A 594 14.95 2.16 14.17
C ASP A 594 14.11 1.02 13.61
N SER A 595 12.87 0.90 14.11
CA SER A 595 12.02 -0.21 13.70
C SER A 595 11.69 -0.15 12.21
N GLU A 596 11.40 1.05 11.70
CA GLU A 596 10.98 1.18 10.31
C GLU A 596 12.07 0.69 9.36
N ARG A 597 13.32 1.07 9.61
CA ARG A 597 14.43 0.68 8.77
C ARG A 597 15.18 -0.54 9.30
N TYR A 598 14.69 -1.15 10.38
CA TYR A 598 15.34 -2.32 10.97
C TYR A 598 16.80 -2.02 11.31
N THR A 599 17.03 -0.84 11.85
CA THR A 599 18.36 -0.45 12.33
C THR A 599 18.42 -0.59 13.84
N TRP A 600 19.63 -0.87 14.34
CA TRP A 600 19.81 -1.09 15.77
C TRP A 600 21.21 -0.65 16.15
N ILE A 601 21.32 0.17 17.19
CA ILE A 601 22.60 0.57 17.77
C ILE A 601 22.58 0.14 19.23
N VAL A 602 23.56 -0.66 19.63
CA VAL A 602 23.62 -1.26 20.96
C VAL A 602 24.60 -0.49 21.81
N LEU A 603 24.19 -0.13 23.02
CA LEU A 603 25.06 0.59 23.95
C LEU A 603 25.70 -0.37 24.94
N SER B 2 14.58 16.80 -14.57
CA SER B 2 14.31 16.09 -15.81
C SER B 2 12.81 16.06 -16.08
N TYR B 3 12.45 15.89 -17.35
CA TYR B 3 11.05 15.83 -17.78
C TYR B 3 10.81 14.55 -18.54
N ASN B 4 9.77 13.82 -18.17
CA ASN B 4 9.48 12.51 -18.74
C ASN B 4 8.04 12.43 -19.20
N TYR B 5 7.72 11.32 -19.84
CA TYR B 5 6.42 11.12 -20.49
C TYR B 5 6.03 9.66 -20.34
N VAL B 6 5.02 9.40 -19.52
CA VAL B 6 4.58 8.05 -19.21
C VAL B 6 3.43 7.68 -20.12
N VAL B 7 3.56 6.54 -20.81
CA VAL B 7 2.50 6.03 -21.67
C VAL B 7 2.39 4.52 -21.42
N THR B 8 1.22 3.98 -21.71
CA THR B 8 0.91 2.58 -21.46
C THR B 8 0.93 1.82 -22.78
N ALA B 9 1.94 0.96 -22.96
CA ALA B 9 2.01 0.16 -24.18
C ALA B 9 0.96 -0.93 -24.20
N GLN B 10 0.80 -1.65 -23.08
CA GLN B 10 -0.20 -2.71 -22.99
C GLN B 10 -0.97 -2.51 -21.70
N LYS B 11 -2.29 -2.45 -21.81
CA LYS B 11 -3.13 -2.21 -20.65
C LYS B 11 -3.06 -3.41 -19.70
N PRO B 12 -3.33 -3.22 -18.41
CA PRO B 12 -3.25 -4.34 -17.48
C PRO B 12 -4.24 -5.43 -17.85
N THR B 13 -3.87 -6.67 -17.59
CA THR B 13 -4.68 -7.83 -17.95
C THR B 13 -4.85 -8.81 -16.81
N ALA B 14 -4.63 -8.39 -15.57
CA ALA B 14 -4.84 -9.23 -14.40
C ALA B 14 -6.17 -8.86 -13.75
N VAL B 15 -7.04 -9.85 -13.56
CA VAL B 15 -8.37 -9.58 -13.05
C VAL B 15 -8.30 -9.36 -11.54
N ASN B 16 -8.85 -8.23 -11.07
CA ASN B 16 -8.85 -7.88 -9.63
C ASN B 16 -10.28 -7.92 -9.11
N GLY B 17 -11.22 -7.24 -9.78
CA GLY B 17 -12.63 -7.18 -9.35
C GLY B 17 -13.47 -8.21 -10.08
N CYS B 18 -14.55 -8.70 -9.46
CA CYS B 18 -15.45 -9.73 -10.06
C CYS B 18 -16.89 -9.53 -9.57
N VAL B 19 -17.79 -9.12 -10.46
CA VAL B 19 -19.25 -8.93 -10.12
C VAL B 19 -20.09 -9.35 -11.32
N THR B 20 -21.37 -9.64 -11.13
CA THR B 20 -22.32 -9.99 -12.22
C THR B 20 -23.69 -9.41 -11.83
N GLY B 21 -24.55 -9.08 -12.79
CA GLY B 21 -25.82 -8.44 -12.48
C GLY B 21 -26.34 -7.69 -13.68
N HIS B 22 -27.63 -7.36 -13.63
CA HIS B 22 -28.30 -6.68 -14.73
C HIS B 22 -28.02 -5.19 -14.63
N PHE B 23 -26.93 -4.74 -15.27
CA PHE B 23 -26.50 -3.34 -15.18
C PHE B 23 -26.97 -2.50 -16.35
N THR B 24 -26.59 -2.86 -17.58
CA THR B 24 -26.91 -2.03 -18.73
C THR B 24 -28.42 -1.87 -18.87
N SER B 25 -29.17 -2.95 -18.70
CA SER B 25 -30.61 -2.90 -18.76
C SER B 25 -31.19 -3.97 -17.84
N ALA B 26 -32.46 -3.80 -17.49
CA ALA B 26 -33.10 -4.74 -16.58
C ALA B 26 -33.29 -6.11 -17.20
N GLU B 27 -33.09 -6.25 -18.51
CA GLU B 27 -33.40 -7.49 -19.23
C GLU B 27 -32.18 -7.97 -20.02
N ASP B 28 -31.01 -7.92 -19.41
CA ASP B 28 -29.82 -8.53 -20.01
C ASP B 28 -28.75 -8.73 -18.95
N LEU B 29 -28.21 -9.94 -18.88
CA LEU B 29 -27.18 -10.26 -17.91
C LEU B 29 -25.86 -9.62 -18.32
N ASN B 30 -25.14 -9.09 -17.34
CA ASN B 30 -23.86 -8.43 -17.58
C ASN B 30 -22.80 -9.00 -16.65
N LEU B 31 -21.57 -8.99 -17.15
CA LEU B 31 -20.40 -9.45 -16.40
C LEU B 31 -19.39 -8.32 -16.38
N LEU B 32 -19.04 -7.86 -15.19
CA LEU B 32 -18.14 -6.73 -15.03
C LEU B 32 -16.84 -7.21 -14.40
N ILE B 33 -15.71 -6.76 -14.94
CA ILE B 33 -14.39 -7.12 -14.46
C ILE B 33 -13.60 -5.84 -14.27
N ALA B 34 -13.02 -5.66 -13.08
CA ALA B 34 -12.31 -4.42 -12.80
C ALA B 34 -10.91 -4.43 -13.39
N LYS B 35 -10.20 -5.55 -13.27
CA LYS B 35 -8.78 -5.55 -13.56
C LYS B 35 -8.13 -4.42 -12.76
N ASN B 36 -7.11 -3.77 -13.29
CA ASN B 36 -6.47 -2.64 -12.63
C ASN B 36 -6.90 -1.39 -13.38
N THR B 37 -7.68 -0.54 -12.71
CA THR B 37 -8.17 0.73 -13.25
C THR B 37 -8.71 0.59 -14.69
N ARG B 38 -9.15 -0.61 -15.06
CA ARG B 38 -9.72 -0.86 -16.39
C ARG B 38 -11.02 -1.65 -16.20
N LEU B 39 -12.11 -0.94 -15.96
CA LEU B 39 -13.39 -1.59 -15.77
C LEU B 39 -13.99 -1.92 -17.14
N GLU B 40 -14.38 -3.18 -17.32
CA GLU B 40 -14.93 -3.65 -18.57
C GLU B 40 -16.32 -4.22 -18.35
N ILE B 41 -17.27 -3.85 -19.21
CA ILE B 41 -18.65 -4.30 -19.12
C ILE B 41 -18.92 -5.28 -20.26
N TYR B 42 -19.44 -6.46 -19.91
CA TYR B 42 -19.80 -7.46 -20.89
C TYR B 42 -21.28 -7.80 -20.73
N VAL B 43 -21.83 -8.46 -21.74
CA VAL B 43 -23.21 -8.93 -21.72
C VAL B 43 -23.23 -10.37 -22.19
N VAL B 44 -23.97 -11.21 -21.47
CA VAL B 44 -24.12 -12.61 -21.85
C VAL B 44 -25.08 -12.70 -23.02
N THR B 45 -24.66 -13.37 -24.08
CA THR B 45 -25.47 -13.57 -25.27
C THR B 45 -25.41 -15.02 -25.71
N ALA B 46 -26.21 -15.35 -26.73
CA ALA B 46 -26.22 -16.71 -27.25
C ALA B 46 -24.84 -17.10 -27.77
N GLU B 47 -24.18 -16.19 -28.49
CA GLU B 47 -22.83 -16.47 -28.97
C GLU B 47 -21.82 -16.51 -27.83
N GLY B 48 -22.11 -15.82 -26.72
CA GLY B 48 -21.21 -15.78 -25.60
C GLY B 48 -21.06 -14.37 -25.06
N LEU B 49 -20.13 -14.17 -24.12
CA LEU B 49 -19.90 -12.83 -23.60
C LEU B 49 -19.47 -11.89 -24.72
N ARG B 50 -20.14 -10.75 -24.80
CA ARG B 50 -19.88 -9.75 -25.82
C ARG B 50 -19.50 -8.44 -25.16
N PRO B 51 -18.44 -7.77 -25.61
CA PRO B 51 -18.05 -6.49 -24.98
C PRO B 51 -19.12 -5.43 -25.20
N VAL B 52 -19.26 -4.53 -24.24
CA VAL B 52 -20.18 -3.41 -24.33
C VAL B 52 -19.44 -2.08 -24.21
N LYS B 53 -18.72 -1.88 -23.11
CA LYS B 53 -17.96 -0.66 -22.92
C LYS B 53 -16.88 -0.93 -21.89
N GLU B 54 -15.87 -0.07 -21.87
CA GLU B 54 -14.75 -0.24 -20.94
C GLU B 54 -14.34 1.14 -20.45
N VAL B 55 -14.88 1.54 -19.30
CA VAL B 55 -14.59 2.84 -18.73
C VAL B 55 -13.28 2.77 -17.97
N GLY B 56 -12.42 3.77 -18.17
CA GLY B 56 -11.18 3.86 -17.43
C GLY B 56 -11.31 4.80 -16.25
N MET B 57 -11.48 4.24 -15.05
CA MET B 57 -11.62 5.05 -13.86
C MET B 57 -10.26 5.61 -13.43
N TYR B 58 -10.28 6.84 -12.94
CA TYR B 58 -9.05 7.49 -12.45
C TYR B 58 -8.71 7.00 -11.05
N GLY B 59 -8.47 5.69 -10.96
CA GLY B 59 -8.13 5.08 -9.69
C GLY B 59 -8.04 3.58 -9.78
N LYS B 60 -7.45 2.95 -8.77
CA LYS B 60 -7.34 1.49 -8.72
C LYS B 60 -8.62 0.94 -8.11
N ILE B 61 -9.40 0.22 -8.91
CA ILE B 61 -10.66 -0.34 -8.44
C ILE B 61 -10.36 -1.31 -7.30
N ALA B 62 -10.91 -1.03 -6.12
CA ALA B 62 -10.72 -1.88 -4.95
C ALA B 62 -12.01 -2.55 -4.50
N VAL B 63 -13.16 -1.97 -4.80
CA VAL B 63 -14.45 -2.55 -4.42
C VAL B 63 -15.42 -2.37 -5.58
N MET B 64 -16.12 -3.43 -5.93
CA MET B 64 -17.21 -3.36 -6.89
C MET B 64 -18.40 -4.12 -6.33
N GLU B 65 -19.57 -3.49 -6.32
CA GLU B 65 -20.79 -4.10 -5.83
C GLU B 65 -21.95 -3.59 -6.66
N LEU B 66 -22.86 -4.49 -7.01
CA LEU B 66 -24.07 -4.15 -7.73
C LEU B 66 -25.26 -4.28 -6.81
N PHE B 67 -26.06 -3.24 -6.73
CA PHE B 67 -27.22 -3.21 -5.84
C PHE B 67 -28.32 -2.41 -6.51
N ARG B 68 -29.57 -2.82 -6.27
CA ARG B 68 -30.74 -2.18 -6.84
C ARG B 68 -31.65 -1.70 -5.72
N PRO B 69 -31.50 -0.45 -5.28
CA PRO B 69 -32.41 0.07 -4.26
C PRO B 69 -33.85 0.10 -4.76
N LYS B 70 -34.78 0.12 -3.81
CA LYS B 70 -36.19 0.08 -4.15
C LYS B 70 -36.53 1.21 -5.10
N GLY B 71 -37.34 0.89 -6.11
CA GLY B 71 -37.74 1.89 -7.09
C GLY B 71 -36.71 2.18 -8.15
N GLU B 72 -35.79 1.25 -8.41
CA GLU B 72 -34.80 1.40 -9.46
C GLU B 72 -34.99 0.28 -10.48
N SER B 73 -35.12 0.65 -11.75
CA SER B 73 -35.37 -0.34 -12.80
C SER B 73 -34.19 -1.31 -12.92
N LYS B 74 -32.97 -0.80 -12.85
CA LYS B 74 -31.77 -1.62 -13.00
C LYS B 74 -30.80 -1.28 -11.88
N ASP B 75 -29.81 -2.15 -11.71
CA ASP B 75 -28.87 -2.00 -10.60
C ASP B 75 -27.97 -0.80 -10.81
N LEU B 76 -27.44 -0.30 -9.70
CA LEU B 76 -26.38 0.70 -9.70
C LEU B 76 -25.04 0.00 -9.47
N LEU B 77 -23.97 0.78 -9.57
CA LEU B 77 -22.61 0.25 -9.41
C LEU B 77 -21.86 1.13 -8.43
N PHE B 78 -21.53 0.57 -7.28
CA PHE B 78 -20.71 1.28 -6.31
C PHE B 78 -19.25 0.89 -6.49
N ILE B 79 -18.37 1.88 -6.59
CA ILE B 79 -16.96 1.65 -6.86
C ILE B 79 -16.14 2.50 -5.91
N LEU B 80 -15.16 1.89 -5.26
CA LEU B 80 -14.24 2.58 -4.37
C LEU B 80 -12.81 2.31 -4.85
N THR B 81 -12.10 3.39 -5.16
CA THR B 81 -10.74 3.25 -5.64
C THR B 81 -9.78 3.05 -4.48
N ALA B 82 -8.54 2.67 -4.81
CA ALA B 82 -7.53 2.49 -3.78
C ALA B 82 -7.24 3.80 -3.06
N LYS B 83 -7.52 4.94 -3.70
CA LYS B 83 -7.34 6.24 -3.08
C LYS B 83 -8.60 6.74 -2.39
N TYR B 84 -9.56 5.85 -2.11
CA TYR B 84 -10.75 6.19 -1.37
C TYR B 84 -11.58 7.25 -2.11
N ASN B 85 -12.17 6.82 -3.23
CA ASN B 85 -12.97 7.68 -4.08
C ASN B 85 -14.34 7.04 -4.32
N ALA B 86 -14.96 6.55 -3.25
CA ALA B 86 -16.29 5.95 -3.34
C ALA B 86 -17.19 6.78 -4.23
N CYS B 87 -17.94 6.10 -5.09
CA CYS B 87 -18.86 6.78 -6.00
C CYS B 87 -19.80 5.75 -6.61
N ILE B 88 -21.10 6.02 -6.59
CA ILE B 88 -22.08 5.13 -7.16
C ILE B 88 -22.40 5.57 -8.58
N LEU B 89 -22.40 4.61 -9.50
CA LEU B 89 -22.54 4.89 -10.91
C LEU B 89 -23.76 4.17 -11.46
N GLU B 90 -24.32 4.74 -12.53
CA GLU B 90 -25.42 4.14 -13.24
C GLU B 90 -25.15 4.25 -14.73
N TYR B 91 -25.71 3.30 -15.49
CA TYR B 91 -25.49 3.20 -16.92
C TYR B 91 -26.82 3.51 -17.61
N LYS B 92 -26.92 4.71 -18.18
CA LYS B 92 -28.12 5.16 -18.88
C LYS B 92 -27.75 5.38 -20.34
N GLN B 93 -28.35 4.57 -21.22
CA GLN B 93 -28.10 4.67 -22.65
C GLN B 93 -29.37 5.20 -23.32
N SER B 94 -29.20 6.22 -24.17
CA SER B 94 -30.32 6.80 -24.91
C SER B 94 -30.16 6.43 -26.38
N GLY B 95 -30.76 5.30 -26.76
CA GLY B 95 -30.69 4.84 -28.13
C GLY B 95 -29.37 4.18 -28.45
N GLU B 96 -28.52 4.91 -29.17
CA GLU B 96 -27.18 4.43 -29.51
C GLU B 96 -26.09 5.20 -28.79
N SER B 97 -26.45 6.09 -27.86
CA SER B 97 -25.50 6.91 -27.13
C SER B 97 -25.25 6.29 -25.76
N ILE B 98 -23.99 5.99 -25.47
CA ILE B 98 -23.63 5.41 -24.18
C ILE B 98 -23.30 6.53 -23.21
N ASP B 99 -23.94 6.52 -22.05
CA ASP B 99 -23.69 7.52 -21.01
C ASP B 99 -23.68 6.83 -19.66
N ILE B 100 -22.70 7.18 -18.83
CA ILE B 100 -22.57 6.60 -17.51
C ILE B 100 -22.49 7.72 -16.48
N ILE B 101 -23.64 8.11 -15.93
CA ILE B 101 -23.70 9.18 -14.95
C ILE B 101 -23.28 8.65 -13.59
N THR B 102 -22.84 9.54 -12.70
CA THR B 102 -22.47 9.17 -11.35
C THR B 102 -23.64 9.55 -10.44
N ARG B 103 -24.24 8.55 -9.81
CA ARG B 103 -25.28 8.81 -8.82
C ARG B 103 -24.75 9.68 -7.70
N ALA B 104 -23.62 9.29 -7.11
CA ALA B 104 -22.98 10.02 -6.03
C ALA B 104 -21.48 9.83 -6.11
N HIS B 105 -20.75 10.79 -5.55
CA HIS B 105 -19.30 10.75 -5.58
C HIS B 105 -18.75 11.54 -4.40
N GLY B 106 -17.56 11.18 -3.96
CA GLY B 106 -16.90 11.88 -2.87
C GLY B 106 -15.85 11.04 -2.19
N ASN B 107 -14.72 11.66 -1.84
CA ASN B 107 -13.66 10.96 -1.14
C ASN B 107 -14.12 10.52 0.24
N VAL B 108 -13.65 9.35 0.67
CA VAL B 108 -14.03 8.80 1.96
C VAL B 108 -12.79 8.47 2.77
N GLN B 109 -11.70 9.19 2.52
CA GLN B 109 -10.47 8.97 3.27
C GLN B 109 -10.57 9.64 4.62
N ASP B 110 -10.15 8.92 5.67
CA ASP B 110 -10.22 9.44 7.03
C ASP B 110 -8.99 10.22 7.43
N ARG B 111 -7.80 9.77 7.04
CA ARG B 111 -6.51 10.40 7.29
C ARG B 111 -6.05 10.20 8.72
N ILE B 112 -6.79 9.48 9.56
CA ILE B 112 -6.40 9.27 10.95
C ILE B 112 -6.53 7.80 11.31
N GLY B 113 -6.39 6.93 10.32
CA GLY B 113 -6.52 5.50 10.54
C GLY B 113 -5.42 4.72 9.87
N ARG B 114 -5.06 3.62 10.50
CA ARG B 114 -4.05 2.72 9.95
C ARG B 114 -4.70 1.80 8.91
N PRO B 115 -4.18 1.70 7.69
CA PRO B 115 -4.76 0.76 6.72
C PRO B 115 -4.73 -0.66 7.26
N SER B 116 -5.81 -1.39 6.98
CA SER B 116 -5.94 -2.74 7.50
C SER B 116 -4.95 -3.69 6.82
N GLU B 117 -4.56 -4.73 7.54
CA GLU B 117 -3.62 -5.70 7.00
C GLU B 117 -4.24 -6.47 5.85
N THR B 118 -5.49 -6.89 5.98
CA THR B 118 -6.14 -7.71 4.96
C THR B 118 -6.61 -6.91 3.76
N GLY B 119 -6.60 -5.57 3.84
CA GLY B 119 -7.00 -4.76 2.72
C GLY B 119 -8.40 -4.22 2.85
N ILE B 120 -8.80 -3.46 1.83
CA ILE B 120 -10.10 -2.81 1.84
C ILE B 120 -11.20 -3.84 1.64
N ILE B 121 -12.23 -3.77 2.46
CA ILE B 121 -13.40 -4.64 2.35
C ILE B 121 -14.62 -3.76 2.14
N GLY B 122 -15.43 -4.09 1.15
CA GLY B 122 -16.63 -3.34 0.87
C GLY B 122 -17.85 -4.25 0.72
N ILE B 123 -18.93 -3.91 1.40
CA ILE B 123 -20.16 -4.69 1.34
C ILE B 123 -21.35 -3.73 1.28
N ILE B 124 -22.47 -4.27 0.82
CA ILE B 124 -23.73 -3.52 0.73
C ILE B 124 -24.82 -4.37 1.36
N ASP B 125 -25.70 -3.72 2.12
CA ASP B 125 -26.80 -4.42 2.78
C ASP B 125 -27.67 -5.09 1.73
N PRO B 126 -28.17 -6.30 2.00
CA PRO B 126 -29.07 -6.93 1.01
C PRO B 126 -30.28 -6.08 0.67
N GLU B 127 -30.82 -5.37 1.66
CA GLU B 127 -31.93 -4.46 1.43
C GLU B 127 -31.46 -3.10 0.90
N CYS B 128 -30.15 -2.91 0.74
CA CYS B 128 -29.59 -1.66 0.25
C CYS B 128 -29.83 -0.52 1.24
N ARG B 129 -29.99 -0.84 2.52
CA ARG B 129 -30.20 0.18 3.53
C ARG B 129 -28.96 1.06 3.72
N MET B 130 -27.79 0.50 3.51
CA MET B 130 -26.54 1.24 3.72
C MET B 130 -25.43 0.50 3.00
N ILE B 131 -24.25 1.13 2.96
CA ILE B 131 -23.04 0.56 2.40
C ILE B 131 -22.00 0.51 3.49
N GLY B 132 -21.41 -0.67 3.71
CA GLY B 132 -20.42 -0.85 4.74
C GLY B 132 -19.03 -0.89 4.14
N LEU B 133 -18.12 -0.13 4.74
CA LEU B 133 -16.73 -0.05 4.28
C LEU B 133 -15.82 -0.32 5.47
N ARG B 134 -14.83 -1.18 5.28
CA ARG B 134 -13.77 -1.40 6.25
C ARG B 134 -12.47 -0.93 5.59
N LEU B 135 -11.92 0.16 6.08
CA LEU B 135 -10.71 0.75 5.51
C LEU B 135 -9.54 0.79 6.47
N TYR B 136 -9.79 0.95 7.76
CA TYR B 136 -8.74 1.04 8.77
C TYR B 136 -9.08 0.15 9.94
N ASP B 137 -8.04 -0.19 10.71
CA ASP B 137 -8.24 -1.02 11.89
C ASP B 137 -9.06 -0.26 12.92
N GLY B 138 -10.16 -0.86 13.39
CA GLY B 138 -10.96 -0.29 14.43
C GLY B 138 -12.09 0.60 13.98
N LEU B 139 -12.11 1.01 12.71
CA LEU B 139 -13.14 1.89 12.19
C LEU B 139 -13.87 1.19 11.04
N PHE B 140 -15.20 1.27 11.05
CA PHE B 140 -16.04 0.65 10.04
C PHE B 140 -16.94 1.73 9.46
N LYS B 141 -16.51 2.36 8.38
CA LYS B 141 -17.29 3.43 7.77
C LYS B 141 -18.62 2.89 7.24
N VAL B 142 -19.70 3.61 7.54
CA VAL B 142 -21.04 3.24 7.11
C VAL B 142 -21.63 4.42 6.36
N ILE B 143 -22.11 4.18 5.14
CA ILE B 143 -22.65 5.22 4.28
C ILE B 143 -24.15 5.01 4.16
N PRO B 144 -24.98 5.90 4.70
CA PRO B 144 -26.43 5.75 4.49
C PRO B 144 -26.78 5.93 3.02
N LEU B 145 -27.83 5.25 2.59
CA LEU B 145 -28.26 5.24 1.19
C LEU B 145 -29.55 5.99 0.96
N ASP B 146 -30.06 6.70 1.96
CA ASP B 146 -31.29 7.47 1.78
C ASP B 146 -31.13 8.44 0.63
N ARG B 147 -31.93 8.27 -0.41
CA ARG B 147 -31.84 9.08 -1.62
C ARG B 147 -32.83 10.23 -1.61
N ASP B 148 -33.15 10.74 -0.42
CA ASP B 148 -34.04 11.89 -0.29
C ASP B 148 -33.30 13.21 -0.18
N ASN B 149 -32.26 13.28 0.63
CA ASN B 149 -31.47 14.49 0.78
C ASN B 149 -30.34 14.50 -0.25
N LYS B 150 -29.64 15.63 -0.34
CA LYS B 150 -28.60 15.81 -1.33
C LYS B 150 -27.23 15.38 -0.82
N GLU B 151 -27.09 15.03 0.45
CA GLU B 151 -25.80 14.66 1.04
C GLU B 151 -25.87 13.25 1.58
N LEU B 152 -24.82 12.47 1.33
CA LEU B 152 -24.66 11.14 1.91
C LEU B 152 -23.61 11.24 2.99
N LYS B 153 -24.06 11.35 4.24
CA LYS B 153 -23.17 11.61 5.37
C LYS B 153 -22.63 10.28 5.88
N ALA B 154 -21.42 9.93 5.47
CA ALA B 154 -20.77 8.74 5.99
C ALA B 154 -20.27 8.99 7.41
N PHE B 155 -20.39 7.97 8.26
CA PHE B 155 -19.98 8.08 9.65
C PHE B 155 -19.27 6.80 10.06
N ASN B 156 -18.21 6.96 10.85
CA ASN B 156 -17.44 5.81 11.34
C ASN B 156 -18.01 5.32 12.66
N ILE B 157 -17.89 4.01 12.88
CA ILE B 157 -18.28 3.38 14.14
C ILE B 157 -17.08 2.59 14.65
N ARG B 158 -16.72 2.83 15.91
CA ARG B 158 -15.56 2.15 16.47
C ARG B 158 -15.77 0.65 16.49
N LEU B 159 -14.74 -0.09 16.12
CA LEU B 159 -14.76 -1.56 16.13
C LEU B 159 -13.78 -2.03 17.18
N GLU B 160 -14.30 -2.65 18.25
CA GLU B 160 -13.45 -3.09 19.34
C GLU B 160 -12.53 -4.22 18.92
N GLU B 161 -12.88 -4.98 17.88
CA GLU B 161 -12.07 -6.14 17.49
C GLU B 161 -10.66 -5.71 17.10
N LEU B 162 -10.54 -4.69 16.27
CA LEU B 162 -9.25 -4.12 15.86
C LEU B 162 -8.44 -5.06 14.97
N HIS B 163 -8.95 -6.26 14.69
CA HIS B 163 -8.22 -7.21 13.85
C HIS B 163 -9.13 -7.94 12.89
N VAL B 164 -10.25 -7.33 12.50
CA VAL B 164 -11.22 -8.02 11.67
C VAL B 164 -10.57 -8.43 10.35
N ILE B 165 -11.03 -9.54 9.80
CA ILE B 165 -10.46 -10.09 8.57
C ILE B 165 -11.47 -9.96 7.44
N ASP B 166 -12.65 -10.57 7.62
CA ASP B 166 -13.71 -10.53 6.61
C ASP B 166 -15.01 -10.11 7.25
N VAL B 167 -15.74 -9.23 6.58
CA VAL B 167 -17.02 -8.70 7.05
C VAL B 167 -18.06 -8.92 5.97
N LYS B 168 -19.27 -9.32 6.38
CA LYS B 168 -20.36 -9.55 5.46
C LYS B 168 -21.67 -9.16 6.15
N PHE B 169 -22.65 -8.78 5.33
CA PHE B 169 -23.98 -8.47 5.83
C PHE B 169 -24.81 -9.74 5.77
N LEU B 170 -25.40 -10.11 6.91
CA LEU B 170 -26.24 -11.29 6.94
C LEU B 170 -27.54 -11.03 6.19
N TYR B 171 -28.36 -12.07 6.09
CA TYR B 171 -29.60 -12.05 5.33
C TYR B 171 -30.78 -12.28 6.27
N GLY B 172 -31.93 -11.75 5.87
CA GLY B 172 -33.17 -12.01 6.58
C GLY B 172 -33.14 -11.57 8.03
N CYS B 173 -32.68 -10.35 8.29
CA CYS B 173 -32.66 -9.79 9.62
C CYS B 173 -33.44 -8.49 9.62
N GLN B 174 -34.22 -8.26 10.69
CA GLN B 174 -35.04 -7.06 10.76
C GLN B 174 -34.18 -5.81 10.64
N ALA B 175 -32.95 -5.86 11.14
CA ALA B 175 -32.03 -4.74 11.09
C ALA B 175 -30.72 -5.19 10.44
N PRO B 176 -29.99 -4.27 9.81
CA PRO B 176 -28.75 -4.68 9.13
C PRO B 176 -27.68 -5.11 10.11
N THR B 177 -27.31 -6.38 10.06
CA THR B 177 -26.27 -6.95 10.91
C THR B 177 -25.07 -7.35 10.07
N ILE B 178 -23.92 -7.43 10.72
CA ILE B 178 -22.67 -7.79 10.07
C ILE B 178 -22.06 -8.95 10.83
N CYS B 179 -21.66 -9.99 10.11
CA CYS B 179 -20.95 -11.13 10.69
C CYS B 179 -19.52 -11.11 10.17
N PHE B 180 -18.56 -11.16 11.08
CA PHE B 180 -17.16 -11.04 10.71
C PHE B 180 -16.31 -11.94 11.60
N VAL B 181 -15.10 -12.22 11.13
CA VAL B 181 -14.14 -13.05 11.84
C VAL B 181 -12.91 -12.21 12.11
N TYR B 182 -12.56 -12.06 13.39
CA TYR B 182 -11.42 -11.29 13.82
C TYR B 182 -10.45 -12.21 14.57
N GLN B 183 -9.31 -11.66 14.96
CA GLN B 183 -8.25 -12.44 15.58
C GLN B 183 -7.88 -11.83 16.92
N ASP B 184 -7.65 -12.69 17.89
CA ASP B 184 -7.26 -12.32 19.25
C ASP B 184 -6.09 -13.19 19.67
N PRO B 185 -5.40 -12.81 20.75
CA PRO B 185 -4.28 -13.65 21.20
C PRO B 185 -4.68 -15.09 21.45
N GLN B 186 -5.89 -15.32 21.96
CA GLN B 186 -6.35 -16.70 22.12
C GLN B 186 -6.52 -17.37 20.77
N GLY B 187 -7.05 -16.66 19.78
CA GLY B 187 -7.27 -17.21 18.47
C GLY B 187 -8.29 -16.37 17.71
N ARG B 188 -8.79 -16.94 16.61
CA ARG B 188 -9.78 -16.25 15.76
C ARG B 188 -11.17 -16.52 16.34
N HIS B 189 -12.13 -15.65 16.07
CA HIS B 189 -13.47 -15.70 16.61
C HIS B 189 -14.44 -15.12 15.58
N VAL B 190 -15.72 -15.40 15.80
CA VAL B 190 -16.80 -14.85 14.99
C VAL B 190 -17.66 -13.98 15.89
N LYS B 191 -18.07 -12.82 15.39
CA LYS B 191 -18.86 -11.89 16.18
C LYS B 191 -19.84 -11.18 15.25
N THR B 192 -20.92 -10.68 15.84
CA THR B 192 -21.98 -10.02 15.08
C THR B 192 -22.34 -8.69 15.74
N TYR B 193 -22.61 -7.69 14.93
CA TYR B 193 -23.06 -6.39 15.38
C TYR B 193 -24.30 -5.99 14.61
N GLU B 194 -25.29 -5.44 15.31
CA GLU B 194 -26.49 -4.91 14.67
C GLU B 194 -26.28 -3.41 14.47
N VAL B 195 -26.09 -3.00 13.23
CA VAL B 195 -25.78 -1.61 12.92
C VAL B 195 -27.05 -0.77 12.98
N SER B 196 -26.93 0.43 13.53
CA SER B 196 -28.04 1.37 13.62
C SER B 196 -27.60 2.70 13.04
N LEU B 197 -28.36 3.22 12.07
CA LEU B 197 -28.08 4.52 11.47
C LEU B 197 -28.66 5.67 12.28
N ARG B 198 -29.85 5.50 12.88
CA ARG B 198 -30.39 6.54 13.72
C ARG B 198 -29.50 6.82 14.93
N GLU B 199 -28.98 5.76 15.56
CA GLU B 199 -28.11 5.91 16.71
C GLU B 199 -26.63 5.94 16.34
N LYS B 200 -26.28 5.59 15.10
CA LYS B 200 -24.90 5.63 14.65
C LYS B 200 -23.98 4.85 15.59
N GLU B 201 -24.41 3.64 15.96
CA GLU B 201 -23.63 2.81 16.85
C GLU B 201 -24.02 1.36 16.64
N PHE B 202 -23.15 0.46 17.08
CA PHE B 202 -23.43 -0.97 17.00
C PHE B 202 -24.36 -1.40 18.13
N ASN B 203 -24.88 -2.62 18.00
CA ASN B 203 -25.75 -3.19 19.01
C ASN B 203 -25.42 -4.67 19.15
N LYS B 204 -25.75 -5.23 20.31
CA LYS B 204 -25.53 -6.66 20.54
C LYS B 204 -26.26 -7.47 19.50
N GLY B 205 -25.52 -8.16 18.64
CA GLY B 205 -26.12 -8.95 17.59
C GLY B 205 -26.59 -10.29 18.07
N PRO B 206 -27.22 -11.04 17.18
CA PRO B 206 -27.76 -12.35 17.56
C PRO B 206 -26.71 -13.45 17.45
N TRP B 207 -27.07 -14.61 17.97
CA TRP B 207 -26.22 -15.80 17.93
C TRP B 207 -24.78 -15.43 18.32
N LYS B 208 -24.65 -15.10 19.60
CA LYS B 208 -23.45 -14.52 20.18
C LYS B 208 -22.17 -15.23 19.73
N GLN B 209 -21.06 -14.50 19.78
CA GLN B 209 -19.79 -14.98 19.27
C GLN B 209 -19.52 -16.43 19.63
N GLU B 210 -18.94 -17.16 18.69
CA GLU B 210 -18.50 -18.53 18.88
C GLU B 210 -17.08 -18.67 18.38
N ASN B 211 -16.25 -19.43 19.11
CA ASN B 211 -14.88 -19.64 18.71
C ASN B 211 -14.82 -20.41 17.40
N VAL B 212 -13.80 -20.12 16.58
CA VAL B 212 -13.66 -20.70 15.26
C VAL B 212 -12.24 -21.25 15.10
N GLU B 213 -12.05 -21.98 14.00
CA GLU B 213 -10.75 -22.59 13.70
C GLU B 213 -9.64 -21.55 13.66
N ALA B 214 -8.40 -22.01 13.75
CA ALA B 214 -7.27 -21.08 13.83
C ALA B 214 -7.06 -20.35 12.51
N GLU B 215 -7.31 -21.02 11.39
CA GLU B 215 -7.01 -20.48 10.07
C GLU B 215 -8.26 -20.02 9.32
N ALA B 216 -9.32 -19.70 10.04
CA ALA B 216 -10.50 -19.14 9.39
C ALA B 216 -10.10 -17.90 8.60
N SER B 217 -10.57 -17.80 7.36
CA SER B 217 -10.08 -16.79 6.43
C SER B 217 -11.16 -16.02 5.71
N MET B 218 -12.40 -16.50 5.65
CA MET B 218 -13.43 -15.78 4.91
C MET B 218 -14.80 -16.20 5.43
N VAL B 219 -15.78 -15.34 5.18
CA VAL B 219 -17.16 -15.53 5.63
C VAL B 219 -18.10 -15.35 4.45
N ILE B 220 -19.03 -16.30 4.28
CA ILE B 220 -20.03 -16.25 3.24
C ILE B 220 -21.40 -16.17 3.90
N ALA B 221 -22.19 -15.17 3.52
CA ALA B 221 -23.49 -14.92 4.11
C ALA B 221 -24.54 -15.67 3.29
N VAL B 222 -25.01 -16.78 3.82
CA VAL B 222 -26.03 -17.57 3.12
C VAL B 222 -27.34 -16.78 3.10
N PRO B 223 -28.08 -16.76 1.99
CA PRO B 223 -29.36 -16.06 1.97
C PRO B 223 -30.47 -16.93 2.54
N GLU B 224 -31.69 -16.39 2.49
CA GLU B 224 -32.85 -17.14 2.93
C GLU B 224 -33.14 -18.28 1.96
N PRO B 225 -33.84 -19.32 2.42
CA PRO B 225 -34.43 -19.49 3.75
C PRO B 225 -33.44 -20.06 4.76
N PHE B 226 -32.22 -20.39 4.33
CA PHE B 226 -31.25 -20.93 5.28
C PHE B 226 -30.74 -19.84 6.22
N GLY B 227 -30.31 -18.71 5.67
CA GLY B 227 -29.74 -17.67 6.48
C GLY B 227 -28.40 -18.08 7.06
N GLY B 228 -27.94 -17.29 8.02
CA GLY B 228 -26.70 -17.60 8.70
C GLY B 228 -25.49 -17.31 7.84
N ALA B 229 -24.33 -17.74 8.34
CA ALA B 229 -23.05 -17.49 7.69
C ALA B 229 -22.22 -18.76 7.68
N ILE B 230 -21.31 -18.85 6.70
CA ILE B 230 -20.40 -19.97 6.56
C ILE B 230 -18.98 -19.42 6.60
N ILE B 231 -18.16 -19.98 7.49
CA ILE B 231 -16.76 -19.59 7.65
C ILE B 231 -15.90 -20.69 7.06
N ILE B 232 -15.07 -20.34 6.08
CA ILE B 232 -14.24 -21.29 5.35
C ILE B 232 -12.81 -21.12 5.84
N GLY B 233 -12.23 -22.18 6.39
CA GLY B 233 -10.87 -22.16 6.85
C GLY B 233 -10.13 -23.41 6.44
N GLN B 234 -8.80 -23.33 6.48
CA GLN B 234 -7.95 -24.45 6.09
C GLN B 234 -8.35 -25.71 6.83
N GLU B 235 -8.78 -26.72 6.07
CA GLU B 235 -9.19 -28.01 6.63
C GLU B 235 -10.31 -27.83 7.64
N SER B 236 -11.24 -26.92 7.33
CA SER B 236 -12.38 -26.69 8.20
C SER B 236 -13.43 -25.81 7.54
N ILE B 237 -14.68 -26.27 7.53
CA ILE B 237 -15.80 -25.46 7.05
C ILE B 237 -16.91 -25.55 8.08
N THR B 238 -17.31 -24.41 8.63
CA THR B 238 -18.31 -24.35 9.67
C THR B 238 -19.42 -23.40 9.27
N TYR B 239 -20.66 -23.79 9.59
CA TYR B 239 -21.84 -22.96 9.33
C TYR B 239 -22.45 -22.60 10.67
N HIS B 240 -22.60 -21.30 10.91
CA HIS B 240 -23.14 -20.79 12.17
C HIS B 240 -24.43 -20.04 11.92
N ASN B 241 -25.47 -20.39 12.66
CA ASN B 241 -26.76 -19.69 12.56
C ASN B 241 -27.54 -19.98 13.83
N GLY B 242 -27.74 -18.96 14.66
CA GLY B 242 -28.53 -19.15 15.85
C GLY B 242 -27.98 -20.29 16.69
N ASP B 243 -28.90 -21.08 17.27
CA ASP B 243 -28.48 -22.25 18.01
C ASP B 243 -27.81 -23.27 17.10
N LYS B 244 -28.34 -23.43 15.88
CA LYS B 244 -27.79 -24.41 14.96
C LYS B 244 -26.34 -24.08 14.65
N TYR B 245 -25.50 -25.12 14.66
CA TYR B 245 -24.09 -24.98 14.32
C TYR B 245 -23.62 -26.27 13.67
N LEU B 246 -23.13 -26.17 12.43
CA LEU B 246 -22.69 -27.33 11.67
C LEU B 246 -21.25 -27.12 11.25
N ALA B 247 -20.45 -28.19 11.30
CA ALA B 247 -19.05 -28.14 10.93
C ALA B 247 -18.68 -29.40 10.18
N ILE B 248 -17.76 -29.27 9.24
CA ILE B 248 -17.24 -30.40 8.46
C ILE B 248 -15.80 -30.09 8.06
N ALA B 249 -14.93 -31.08 8.18
CA ALA B 249 -13.51 -30.94 7.87
C ALA B 249 -13.07 -32.10 7.00
N PRO B 250 -13.44 -32.11 5.73
CA PRO B 250 -13.09 -33.23 4.85
C PRO B 250 -11.60 -33.24 4.56
N PRO B 251 -11.06 -34.37 4.10
CA PRO B 251 -9.62 -34.45 3.84
C PRO B 251 -9.18 -33.69 2.60
N ILE B 252 -10.04 -33.66 1.59
CA ILE B 252 -9.66 -33.08 0.30
C ILE B 252 -9.26 -31.62 0.47
N ILE B 253 -10.01 -30.88 1.28
CA ILE B 253 -9.73 -29.44 1.44
C ILE B 253 -8.35 -29.23 2.05
N LYS B 254 -7.83 -30.20 2.79
CA LYS B 254 -6.62 -29.99 3.57
C LYS B 254 -5.44 -29.60 2.69
N GLN B 255 -5.43 -30.03 1.43
CA GLN B 255 -4.25 -29.84 0.60
C GLN B 255 -3.91 -28.36 0.42
N SER B 256 -4.90 -27.53 0.17
CA SER B 256 -4.68 -26.12 -0.12
C SER B 256 -5.78 -25.28 0.52
N THR B 257 -5.53 -23.98 0.60
CA THR B 257 -6.48 -23.05 1.18
C THR B 257 -7.45 -22.54 0.12
N ILE B 258 -8.63 -22.11 0.57
CA ILE B 258 -9.65 -21.55 -0.29
C ILE B 258 -9.49 -20.04 -0.30
N VAL B 259 -9.49 -19.46 -1.50
CA VAL B 259 -9.19 -18.03 -1.65
C VAL B 259 -10.36 -17.26 -2.25
N CYS B 260 -11.37 -17.92 -2.78
CA CYS B 260 -12.47 -17.22 -3.42
C CYS B 260 -13.71 -18.09 -3.34
N HIS B 261 -14.87 -17.45 -3.47
CA HIS B 261 -16.13 -18.14 -3.36
C HIS B 261 -17.14 -17.46 -4.27
N ASN B 262 -18.22 -18.17 -4.57
CA ASN B 262 -19.32 -17.62 -5.35
C ASN B 262 -20.57 -18.42 -5.05
N ARG B 263 -21.72 -17.81 -5.34
CA ARG B 263 -23.02 -18.41 -5.10
C ARG B 263 -23.61 -18.87 -6.43
N VAL B 264 -23.96 -20.14 -6.52
CA VAL B 264 -24.54 -20.68 -7.74
C VAL B 264 -26.05 -20.54 -7.72
N ASP B 265 -26.70 -21.22 -6.80
CA ASP B 265 -28.16 -21.13 -6.72
C ASP B 265 -28.56 -19.84 -6.01
N PRO B 266 -29.63 -19.18 -6.48
CA PRO B 266 -30.07 -17.96 -5.79
C PRO B 266 -30.41 -18.19 -4.33
N ASN B 267 -30.92 -19.37 -3.98
CA ASN B 267 -31.26 -19.69 -2.60
C ASN B 267 -30.04 -20.13 -1.79
N GLY B 268 -28.84 -20.04 -2.35
CA GLY B 268 -27.65 -20.40 -1.61
C GLY B 268 -27.47 -21.89 -1.38
N SER B 269 -28.09 -22.72 -2.20
CA SER B 269 -27.98 -24.16 -2.04
C SER B 269 -26.72 -24.74 -2.67
N ARG B 270 -25.94 -23.94 -3.39
CA ARG B 270 -24.73 -24.44 -4.04
C ARG B 270 -23.74 -23.29 -4.19
N TYR B 271 -22.50 -23.54 -3.78
CA TYR B 271 -21.44 -22.54 -3.85
C TYR B 271 -20.24 -23.14 -4.58
N LEU B 272 -19.44 -22.26 -5.18
CA LEU B 272 -18.20 -22.64 -5.84
C LEU B 272 -17.03 -22.06 -5.06
N LEU B 273 -16.08 -22.94 -4.71
CA LEU B 273 -14.91 -22.55 -3.95
C LEU B 273 -13.66 -22.80 -4.79
N GLY B 274 -12.77 -21.83 -4.82
CA GLY B 274 -11.51 -21.93 -5.54
C GLY B 274 -10.33 -22.02 -4.59
N ASP B 275 -9.36 -22.84 -4.94
CA ASP B 275 -8.18 -23.08 -4.11
C ASP B 275 -6.96 -22.42 -4.76
N MET B 276 -5.85 -22.41 -4.02
CA MET B 276 -4.62 -21.81 -4.55
C MET B 276 -4.02 -22.66 -5.66
N GLU B 277 -4.31 -23.96 -5.70
CA GLU B 277 -3.80 -24.85 -6.72
C GLU B 277 -4.75 -24.95 -7.92
N GLY B 278 -5.67 -24.01 -8.05
CA GLY B 278 -6.60 -24.01 -9.15
C GLY B 278 -7.58 -25.17 -9.13
N ARG B 279 -8.03 -25.58 -7.96
CA ARG B 279 -9.04 -26.60 -7.84
C ARG B 279 -10.41 -25.97 -7.65
N LEU B 280 -11.42 -26.58 -8.26
CA LEU B 280 -12.79 -26.08 -8.22
C LEU B 280 -13.62 -27.00 -7.36
N PHE B 281 -14.15 -26.48 -6.27
CA PHE B 281 -15.00 -27.24 -5.36
C PHE B 281 -16.41 -26.71 -5.39
N MET B 282 -17.38 -27.62 -5.44
CA MET B 282 -18.80 -27.29 -5.31
C MET B 282 -19.21 -27.60 -3.88
N LEU B 283 -19.79 -26.61 -3.21
CA LEU B 283 -20.19 -26.74 -1.81
C LEU B 283 -21.71 -26.86 -1.76
N LEU B 284 -22.19 -27.91 -1.10
CA LEU B 284 -23.60 -28.24 -1.07
C LEU B 284 -24.18 -28.02 0.32
N LEU B 285 -25.44 -27.60 0.36
CA LEU B 285 -26.21 -27.49 1.60
C LEU B 285 -27.44 -28.36 1.47
N GLU B 286 -27.59 -29.33 2.36
CA GLU B 286 -28.72 -30.23 2.37
C GLU B 286 -29.75 -29.74 3.37
N LYS B 287 -31.01 -29.63 2.92
CA LYS B 287 -32.09 -29.11 3.74
C LYS B 287 -33.07 -30.23 4.05
N GLU B 288 -33.84 -30.03 5.12
CA GLU B 288 -34.85 -30.99 5.55
C GLU B 288 -36.14 -30.25 5.85
N GLU B 289 -37.25 -30.96 5.75
CA GLU B 289 -38.57 -30.39 6.00
C GLU B 289 -38.81 -30.37 7.51
N GLN B 290 -38.76 -29.17 8.09
CA GLN B 290 -38.99 -29.03 9.51
C GLN B 290 -40.46 -29.27 9.84
N MET B 291 -40.74 -29.46 11.13
CA MET B 291 -42.12 -29.67 11.55
C MET B 291 -43.00 -28.48 11.18
N ASP B 292 -42.50 -27.27 11.40
CA ASP B 292 -43.26 -26.09 11.01
C ASP B 292 -43.40 -25.99 9.49
N GLY B 293 -42.43 -26.49 8.74
CA GLY B 293 -42.47 -26.45 7.30
C GLY B 293 -41.47 -25.49 6.69
N THR B 294 -40.30 -25.38 7.32
CA THR B 294 -39.23 -24.49 6.89
C THR B 294 -38.00 -25.32 6.51
N VAL B 295 -36.92 -24.62 6.15
CA VAL B 295 -35.67 -25.23 5.74
C VAL B 295 -34.64 -24.99 6.84
N THR B 296 -33.83 -25.99 7.14
CA THR B 296 -32.90 -25.94 8.27
C THR B 296 -31.46 -26.23 7.91
N LEU B 297 -31.15 -26.59 6.66
CA LEU B 297 -29.78 -26.89 6.29
C LEU B 297 -29.24 -28.06 7.11
N LYS B 298 -29.80 -29.25 6.91
CA LYS B 298 -29.50 -30.38 7.78
C LYS B 298 -27.99 -30.67 7.84
N ASP B 299 -27.35 -30.79 6.68
CA ASP B 299 -25.96 -31.23 6.64
C ASP B 299 -25.20 -30.46 5.56
N LEU B 300 -23.88 -30.58 5.59
CA LEU B 300 -23.00 -29.92 4.66
C LEU B 300 -22.14 -30.97 3.95
N ARG B 301 -21.71 -30.64 2.74
CA ARG B 301 -20.88 -31.55 1.96
C ARG B 301 -20.23 -30.79 0.83
N VAL B 302 -19.03 -31.20 0.46
CA VAL B 302 -18.24 -30.55 -0.58
C VAL B 302 -17.76 -31.61 -1.57
N GLU B 303 -17.61 -31.20 -2.82
CA GLU B 303 -17.16 -32.09 -3.88
C GLU B 303 -16.09 -31.39 -4.71
N LEU B 304 -15.27 -32.18 -5.38
CA LEU B 304 -14.19 -31.69 -6.22
C LEU B 304 -14.66 -31.72 -7.67
N LEU B 305 -14.94 -30.54 -8.22
CA LEU B 305 -15.37 -30.47 -9.62
C LEU B 305 -14.22 -30.77 -10.57
N GLY B 306 -13.06 -30.19 -10.33
CA GLY B 306 -11.92 -30.41 -11.20
C GLY B 306 -10.85 -29.35 -10.96
N GLU B 307 -9.98 -29.21 -11.96
CA GLU B 307 -8.86 -28.29 -11.89
C GLU B 307 -9.03 -27.19 -12.93
N THR B 308 -8.71 -25.96 -12.53
CA THR B 308 -8.78 -24.80 -13.41
C THR B 308 -7.56 -23.92 -13.15
N SER B 309 -7.45 -22.84 -13.91
CA SER B 309 -6.37 -21.90 -13.68
C SER B 309 -6.50 -21.27 -12.30
N ILE B 310 -5.36 -20.90 -11.72
CA ILE B 310 -5.36 -20.34 -10.37
C ILE B 310 -6.33 -19.17 -10.34
N ALA B 311 -7.29 -19.22 -9.41
CA ALA B 311 -8.38 -18.27 -9.42
C ALA B 311 -8.18 -17.21 -8.34
N GLU B 312 -8.40 -15.95 -8.73
CA GLU B 312 -8.69 -14.89 -7.79
C GLU B 312 -10.17 -14.59 -7.67
N CYS B 313 -10.98 -15.00 -8.66
CA CYS B 313 -12.41 -14.98 -8.50
C CYS B 313 -13.17 -15.93 -9.41
N LEU B 314 -14.37 -16.31 -8.96
CA LEU B 314 -15.34 -17.06 -9.75
C LEU B 314 -16.62 -16.24 -9.86
N THR B 315 -17.26 -16.33 -11.03
CA THR B 315 -18.57 -15.70 -11.19
C THR B 315 -19.42 -16.59 -12.09
N TYR B 316 -20.46 -17.20 -11.52
CA TYR B 316 -21.30 -18.12 -12.27
C TYR B 316 -22.18 -17.34 -13.24
N LEU B 317 -22.31 -17.86 -14.45
CA LEU B 317 -23.17 -17.30 -15.48
C LEU B 317 -24.27 -18.30 -15.81
N ASP B 318 -25.23 -17.85 -16.60
CA ASP B 318 -26.35 -18.71 -16.97
C ASP B 318 -25.87 -19.89 -17.81
N ASN B 319 -26.65 -20.97 -17.75
CA ASN B 319 -26.47 -22.18 -18.55
C ASN B 319 -25.29 -23.03 -18.09
N GLY B 320 -24.78 -22.82 -16.88
CA GLY B 320 -23.79 -23.68 -16.30
C GLY B 320 -22.35 -23.23 -16.49
N VAL B 321 -22.11 -22.24 -17.36
CA VAL B 321 -20.74 -21.79 -17.57
C VAL B 321 -20.36 -20.79 -16.49
N VAL B 322 -19.15 -20.93 -15.96
CA VAL B 322 -18.65 -20.09 -14.88
C VAL B 322 -17.36 -19.43 -15.36
N PHE B 323 -17.25 -18.13 -15.13
CA PHE B 323 -16.07 -17.37 -15.52
C PHE B 323 -15.07 -17.40 -14.37
N VAL B 324 -13.83 -17.77 -14.67
CA VAL B 324 -12.78 -17.90 -13.66
C VAL B 324 -11.83 -16.72 -13.82
N GLY B 325 -11.92 -15.76 -12.91
CA GLY B 325 -11.04 -14.61 -12.94
C GLY B 325 -9.70 -14.94 -12.32
N SER B 326 -8.65 -14.93 -13.14
CA SER B 326 -7.32 -15.34 -12.72
C SER B 326 -6.41 -14.13 -12.64
N ARG B 327 -5.61 -14.07 -11.57
CA ARG B 327 -4.62 -13.02 -11.39
C ARG B 327 -3.21 -13.49 -11.69
N LEU B 328 -2.90 -14.77 -11.51
CA LEU B 328 -1.58 -15.32 -11.80
C LEU B 328 -1.58 -16.14 -13.08
N GLY B 329 -2.60 -16.00 -13.90
CA GLY B 329 -2.66 -16.76 -15.13
C GLY B 329 -3.79 -16.28 -16.01
N ASP B 330 -3.97 -16.98 -17.13
CA ASP B 330 -5.04 -16.64 -18.05
C ASP B 330 -6.40 -16.96 -17.43
N SER B 331 -7.35 -16.05 -17.62
CA SER B 331 -8.72 -16.31 -17.19
C SER B 331 -9.36 -17.36 -18.09
N GLN B 332 -10.56 -17.81 -17.71
CA GLN B 332 -11.21 -18.89 -18.42
C GLN B 332 -12.71 -18.74 -18.35
N LEU B 333 -13.39 -19.45 -19.25
CA LEU B 333 -14.85 -19.53 -19.25
C LEU B 333 -15.28 -20.98 -19.11
N VAL B 334 -14.69 -21.69 -18.15
CA VAL B 334 -14.95 -23.11 -18.02
C VAL B 334 -16.44 -23.35 -17.76
N LYS B 335 -16.94 -24.47 -18.26
CA LYS B 335 -18.33 -24.86 -18.10
C LYS B 335 -18.41 -26.21 -17.41
N LEU B 336 -19.31 -26.31 -16.44
CA LEU B 336 -19.51 -27.56 -15.71
C LEU B 336 -20.38 -28.50 -16.53
N ASN B 337 -20.12 -29.79 -16.39
CA ASN B 337 -20.85 -30.83 -17.11
C ASN B 337 -21.54 -31.75 -16.11
N VAL B 338 -22.79 -32.09 -16.40
CA VAL B 338 -23.53 -32.99 -15.51
C VAL B 338 -22.82 -34.34 -15.42
N ASP B 339 -22.39 -34.87 -16.56
CA ASP B 339 -21.66 -36.12 -16.60
C ASP B 339 -20.17 -35.87 -16.44
N SER B 340 -19.52 -36.72 -15.65
CA SER B 340 -18.11 -36.59 -15.39
C SER B 340 -17.29 -37.04 -16.60
N ASN B 341 -16.04 -36.58 -16.64
CA ASN B 341 -15.10 -37.03 -17.65
C ASN B 341 -14.53 -38.39 -17.28
N GLU B 342 -14.01 -39.09 -18.29
CA GLU B 342 -13.38 -40.38 -18.04
C GLU B 342 -12.25 -40.25 -17.02
N GLN B 343 -11.52 -39.14 -17.05
CA GLN B 343 -10.47 -38.91 -16.07
C GLN B 343 -11.03 -38.54 -14.71
N GLY B 344 -12.24 -37.98 -14.66
CA GLY B 344 -12.86 -37.63 -13.40
C GLY B 344 -12.96 -36.14 -13.18
N SER B 345 -13.13 -35.39 -14.26
CA SER B 345 -13.25 -33.93 -14.20
C SER B 345 -14.64 -33.52 -14.68
N TYR B 346 -15.35 -32.76 -13.86
CA TYR B 346 -16.66 -32.23 -14.21
C TYR B 346 -16.58 -30.91 -14.96
N VAL B 347 -15.39 -30.34 -15.11
CA VAL B 347 -15.22 -29.00 -15.65
C VAL B 347 -14.37 -29.08 -16.90
N VAL B 348 -14.84 -28.47 -17.98
CA VAL B 348 -14.13 -28.41 -19.25
C VAL B 348 -14.04 -26.95 -19.68
N ALA B 349 -12.84 -26.52 -20.05
CA ALA B 349 -12.65 -25.14 -20.47
C ALA B 349 -13.29 -24.89 -21.83
N MET B 350 -13.67 -23.64 -22.06
CA MET B 350 -14.24 -23.23 -23.34
C MET B 350 -13.43 -22.14 -24.02
N GLU B 351 -12.96 -21.15 -23.26
CA GLU B 351 -12.16 -20.06 -23.83
C GLU B 351 -11.15 -19.60 -22.81
N THR B 352 -10.05 -19.03 -23.30
CA THR B 352 -8.97 -18.55 -22.45
C THR B 352 -8.64 -17.12 -22.84
N PHE B 353 -8.57 -16.23 -21.85
CA PHE B 353 -8.24 -14.84 -22.06
C PHE B 353 -6.78 -14.61 -21.68
N THR B 354 -5.99 -14.15 -22.64
CA THR B 354 -4.56 -13.97 -22.40
C THR B 354 -4.35 -12.97 -21.27
N ASN B 355 -3.49 -13.33 -20.33
CA ASN B 355 -3.15 -12.48 -19.19
C ASN B 355 -1.63 -12.45 -19.06
N LEU B 356 -1.04 -11.27 -19.19
CA LEU B 356 0.40 -11.14 -19.04
C LEU B 356 0.85 -11.44 -17.62
N GLY B 357 -0.05 -11.43 -16.65
CA GLY B 357 0.28 -11.82 -15.30
C GLY B 357 1.45 -11.04 -14.73
N PRO B 358 1.96 -11.47 -13.59
CA PRO B 358 3.11 -10.78 -13.00
C PRO B 358 4.31 -10.83 -13.93
N ILE B 359 4.78 -9.65 -14.36
CA ILE B 359 5.96 -9.57 -15.23
C ILE B 359 7.16 -9.54 -14.28
N VAL B 360 7.63 -10.73 -13.92
CA VAL B 360 8.73 -10.84 -12.97
C VAL B 360 10.02 -10.30 -13.59
N ASP B 361 10.28 -10.67 -14.83
CA ASP B 361 11.51 -10.24 -15.50
C ASP B 361 11.29 -10.27 -17.00
N MET B 362 12.08 -9.49 -17.73
CA MET B 362 11.98 -9.45 -19.18
C MET B 362 13.28 -8.88 -19.75
N CYS B 363 13.43 -9.04 -21.07
CA CYS B 363 14.60 -8.52 -21.76
C CYS B 363 14.30 -8.48 -23.24
N VAL B 364 14.45 -7.31 -23.86
CA VAL B 364 14.20 -7.18 -25.29
C VAL B 364 15.28 -7.89 -26.08
N VAL B 365 14.90 -8.50 -27.19
CA VAL B 365 15.83 -9.16 -28.10
C VAL B 365 15.48 -8.78 -29.52
N ASP B 366 16.45 -8.97 -30.41
CA ASP B 366 16.30 -8.66 -31.83
C ASP B 366 16.79 -9.84 -32.68
N LEU B 367 16.36 -11.05 -32.29
CA LEU B 367 16.79 -12.24 -33.01
C LEU B 367 16.37 -12.23 -34.47
N GLU B 368 15.34 -11.47 -34.81
CA GLU B 368 14.86 -11.37 -36.18
C GLU B 368 15.65 -10.38 -37.02
N ARG B 369 16.62 -9.70 -36.42
CA ARG B 369 17.40 -8.70 -37.15
C ARG B 369 16.50 -7.57 -37.61
N GLN B 370 16.96 -6.79 -38.58
CA GLN B 370 16.19 -5.67 -39.13
C GLN B 370 15.97 -4.57 -38.10
N GLY B 371 16.70 -4.62 -36.99
CA GLY B 371 16.56 -3.58 -35.97
C GLY B 371 15.17 -3.52 -35.38
N GLN B 372 14.48 -4.64 -35.30
CA GLN B 372 13.16 -4.72 -34.69
C GLN B 372 13.25 -5.60 -33.45
N GLY B 373 12.83 -5.07 -32.31
CA GLY B 373 12.89 -5.77 -31.05
C GLY B 373 11.53 -6.23 -30.59
N GLN B 374 11.51 -7.36 -29.88
CA GLN B 374 10.30 -7.90 -29.29
C GLN B 374 10.56 -8.24 -27.84
N LEU B 375 9.53 -8.13 -27.02
CA LEU B 375 9.68 -8.27 -25.58
C LEU B 375 9.49 -9.73 -25.18
N VAL B 376 10.42 -10.25 -24.39
CA VAL B 376 10.35 -11.61 -23.86
C VAL B 376 10.28 -11.47 -22.35
N THR B 377 9.18 -11.90 -21.76
CA THR B 377 8.92 -11.72 -20.33
C THR B 377 8.75 -13.07 -19.65
N CYS B 378 8.51 -13.00 -18.33
CA CYS B 378 8.32 -14.17 -17.49
C CYS B 378 7.02 -13.98 -16.73
N SER B 379 5.93 -14.49 -17.29
CA SER B 379 4.62 -14.36 -16.69
C SER B 379 4.27 -15.61 -15.88
N GLY B 380 3.15 -15.53 -15.16
CA GLY B 380 2.67 -16.64 -14.38
C GLY B 380 3.41 -16.76 -13.05
N ALA B 381 2.79 -17.49 -12.12
CA ALA B 381 3.33 -17.62 -10.78
C ALA B 381 3.73 -19.05 -10.42
N PHE B 382 2.80 -20.00 -10.47
CA PHE B 382 3.08 -21.35 -10.00
C PHE B 382 2.94 -22.40 -11.08
N LYS B 383 1.76 -22.51 -11.70
CA LYS B 383 1.54 -23.46 -12.78
C LYS B 383 1.15 -22.78 -14.08
N GLU B 384 0.88 -21.48 -14.05
CA GLU B 384 0.66 -20.70 -15.25
C GLU B 384 1.94 -20.05 -15.75
N GLY B 385 3.08 -20.35 -15.11
CA GLY B 385 4.35 -19.78 -15.52
C GLY B 385 4.63 -19.98 -16.98
N SER B 386 4.90 -18.89 -17.69
CA SER B 386 5.10 -18.95 -19.13
C SER B 386 5.94 -17.76 -19.56
N LEU B 387 6.47 -17.84 -20.78
CA LEU B 387 7.24 -16.78 -21.39
C LEU B 387 6.40 -16.19 -22.51
N ARG B 388 6.08 -14.91 -22.42
CA ARG B 388 5.24 -14.25 -23.40
C ARG B 388 6.11 -13.45 -24.35
N ILE B 389 6.09 -13.81 -25.63
CA ILE B 389 6.88 -13.12 -26.64
C ILE B 389 5.98 -12.04 -27.22
N ILE B 390 6.02 -10.86 -26.61
CA ILE B 390 5.15 -9.75 -26.99
C ILE B 390 5.84 -8.99 -28.12
N ARG B 391 5.39 -9.23 -29.34
CA ARG B 391 5.89 -8.52 -30.50
C ARG B 391 4.96 -7.34 -30.79
N ASN B 392 5.17 -6.67 -31.92
CA ASN B 392 4.34 -5.55 -32.35
C ASN B 392 3.71 -5.87 -33.69
N GLY B 393 2.39 -5.65 -33.78
CA GLY B 393 1.66 -5.94 -35.00
C GLY B 393 2.18 -5.16 -36.20
N LYS B 405 -2.64 -3.20 -31.00
CA LYS B 405 -2.72 -4.65 -31.12
C LYS B 405 -1.32 -5.25 -31.13
N LEU B 406 -1.08 -6.19 -30.21
CA LEU B 406 0.20 -6.87 -30.08
C LEU B 406 -0.03 -8.37 -30.13
N HIS B 407 0.75 -9.06 -30.97
CA HIS B 407 0.68 -10.51 -31.09
C HIS B 407 1.57 -11.13 -30.04
N ILE B 408 1.01 -12.00 -29.20
CA ILE B 408 1.71 -12.59 -28.08
C ILE B 408 1.76 -14.10 -28.25
N ARG B 409 2.96 -14.66 -28.15
CA ARG B 409 3.19 -16.10 -28.22
C ARG B 409 3.47 -16.58 -26.80
N THR B 410 2.50 -17.28 -26.21
CA THR B 410 2.64 -17.77 -24.85
C THR B 410 3.29 -19.15 -24.89
N VAL B 411 4.37 -19.32 -24.14
CA VAL B 411 5.07 -20.60 -24.07
C VAL B 411 4.88 -21.14 -22.65
N PRO B 412 3.92 -22.02 -22.42
CA PRO B 412 3.69 -22.51 -21.05
C PRO B 412 4.90 -23.25 -20.52
N LEU B 413 5.18 -23.06 -19.23
CA LEU B 413 6.27 -23.76 -18.56
C LEU B 413 5.81 -24.62 -17.40
N TYR B 414 4.63 -24.37 -16.84
CA TYR B 414 4.10 -25.14 -15.72
C TYR B 414 4.99 -25.04 -14.49
N GLU B 415 5.83 -24.02 -14.41
CA GLU B 415 6.65 -23.77 -13.24
C GLU B 415 6.95 -22.28 -13.17
N SER B 416 7.29 -21.81 -11.98
CA SER B 416 7.49 -20.39 -11.76
C SER B 416 8.77 -19.94 -12.45
N PRO B 417 8.71 -18.97 -13.38
CA PRO B 417 9.94 -18.39 -13.92
C PRO B 417 10.38 -17.18 -13.13
N ARG B 418 11.66 -17.14 -12.80
CA ARG B 418 12.22 -16.08 -11.96
C ARG B 418 12.96 -15.04 -12.79
N LYS B 419 13.99 -15.43 -13.53
CA LYS B 419 14.82 -14.51 -14.28
C LYS B 419 14.93 -14.95 -15.74
N ILE B 420 15.47 -14.07 -16.57
CA ILE B 420 15.66 -14.34 -17.98
C ILE B 420 16.76 -13.43 -18.50
N CYS B 421 17.67 -14.00 -19.30
CA CYS B 421 18.72 -13.23 -19.95
C CYS B 421 19.13 -13.97 -21.21
N TYR B 422 18.98 -13.33 -22.36
CA TYR B 422 19.21 -13.99 -23.63
C TYR B 422 20.68 -13.92 -24.01
N GLN B 423 21.26 -15.06 -24.38
CA GLN B 423 22.64 -15.14 -24.83
C GLN B 423 22.64 -15.33 -26.34
N GLU B 424 23.38 -14.47 -27.04
CA GLU B 424 23.35 -14.47 -28.50
C GLU B 424 24.33 -15.46 -29.12
N VAL B 425 25.46 -15.73 -28.45
CA VAL B 425 26.47 -16.59 -29.05
C VAL B 425 25.91 -18.00 -29.26
N SER B 426 25.20 -18.53 -28.28
CA SER B 426 24.58 -19.84 -28.39
C SER B 426 23.11 -19.77 -28.82
N GLN B 427 22.56 -18.55 -28.95
CA GLN B 427 21.18 -18.37 -29.39
C GLN B 427 20.21 -19.17 -28.50
N CYS B 428 20.29 -18.92 -27.20
CA CYS B 428 19.43 -19.60 -26.23
C CYS B 428 19.10 -18.65 -25.10
N PHE B 429 17.88 -18.80 -24.55
CA PHE B 429 17.40 -17.96 -23.46
C PHE B 429 17.64 -18.68 -22.15
N GLY B 430 18.73 -18.34 -21.47
CA GLY B 430 18.94 -18.84 -20.12
C GLY B 430 17.90 -18.27 -19.18
N VAL B 431 17.15 -19.14 -18.51
CA VAL B 431 16.05 -18.71 -17.66
C VAL B 431 16.09 -19.49 -16.35
N LEU B 432 15.91 -18.79 -15.23
CA LEU B 432 15.74 -19.44 -13.95
C LEU B 432 14.27 -19.81 -13.74
N SER B 433 14.05 -20.86 -12.97
CA SER B 433 12.69 -21.27 -12.65
C SER B 433 12.73 -22.17 -11.43
N SER B 434 11.60 -22.25 -10.75
CA SER B 434 11.49 -23.08 -9.56
C SER B 434 10.14 -23.79 -9.57
N ARG B 435 10.17 -25.10 -9.31
CA ARG B 435 8.95 -25.88 -9.20
C ARG B 435 8.73 -26.24 -7.73
N ILE B 436 7.65 -26.98 -7.47
CA ILE B 436 7.29 -27.41 -6.13
C ILE B 436 7.29 -28.92 -6.10
N GLU B 437 8.01 -29.50 -5.14
CA GLU B 437 8.11 -30.94 -4.99
C GLU B 437 7.80 -31.32 -3.56
N VAL B 438 7.20 -32.49 -3.38
CA VAL B 438 6.83 -32.97 -2.06
C VAL B 438 7.91 -33.91 -1.53
N THR B 446 6.78 -36.83 -5.36
CA THR B 446 7.88 -35.92 -5.69
C THR B 446 7.40 -34.78 -6.57
N ALA B 447 7.34 -35.03 -7.88
CA ALA B 447 6.88 -34.03 -8.84
C ALA B 447 5.37 -34.08 -8.95
N LEU B 448 4.72 -32.94 -8.71
CA LEU B 448 3.26 -32.91 -8.76
C LEU B 448 2.76 -33.11 -10.18
N ARG B 449 3.31 -32.40 -11.15
CA ARG B 449 2.85 -32.49 -12.52
C ARG B 449 4.07 -32.43 -13.43
N PRO B 450 3.96 -32.94 -14.65
CA PRO B 450 5.07 -32.81 -15.60
C PRO B 450 5.32 -31.34 -15.92
N SER B 451 6.57 -30.92 -15.79
CA SER B 451 6.96 -29.53 -16.01
C SER B 451 8.09 -29.48 -17.03
N ALA B 452 8.26 -28.29 -17.61
CA ALA B 452 9.33 -28.13 -18.61
C ALA B 452 10.67 -28.56 -18.04
N SER B 453 10.90 -28.34 -16.75
CA SER B 453 12.13 -28.81 -16.13
C SER B 453 12.23 -30.33 -16.17
N THR B 454 11.13 -31.02 -15.85
CA THR B 454 11.18 -32.47 -15.74
C THR B 454 11.55 -33.11 -17.06
N GLN B 455 10.98 -32.63 -18.16
CA GLN B 455 11.24 -33.17 -19.49
C GLN B 455 12.13 -32.20 -20.26
N ALA B 456 13.30 -32.69 -20.66
CA ALA B 456 14.23 -31.89 -21.44
C ALA B 456 15.11 -32.83 -22.24
N LEU B 457 15.72 -32.30 -23.31
CA LEU B 457 16.63 -33.11 -24.11
C LEU B 457 17.79 -33.62 -23.28
N SER B 458 18.35 -32.75 -22.43
CA SER B 458 19.42 -33.13 -21.52
C SER B 458 19.14 -32.51 -20.17
N SER B 459 19.65 -33.16 -19.11
CA SER B 459 19.44 -32.68 -17.76
C SER B 459 20.69 -32.96 -16.93
N SER B 460 21.06 -32.01 -16.08
CA SER B 460 22.19 -32.15 -15.19
C SER B 460 21.82 -31.65 -13.80
N VAL B 461 22.54 -32.15 -12.80
CA VAL B 461 22.32 -31.79 -11.41
C VAL B 461 23.65 -31.37 -10.81
N SER B 462 23.61 -30.35 -9.95
CA SER B 462 24.82 -29.81 -9.36
C SER B 462 25.60 -30.89 -8.62
N SER B 463 26.91 -30.92 -8.84
CA SER B 463 27.80 -31.87 -8.21
C SER B 463 28.78 -31.20 -7.23
N SER B 464 28.51 -29.95 -6.86
CA SER B 464 29.40 -29.23 -5.96
C SER B 464 29.40 -29.90 -4.58
N LYS B 465 30.58 -29.96 -3.97
CA LYS B 465 30.75 -30.56 -2.65
C LYS B 465 30.62 -29.57 -1.51
N LEU B 466 30.27 -28.31 -1.81
CA LEU B 466 30.15 -27.29 -0.78
C LEU B 466 28.85 -27.46 0.00
N GLU B 481 6.08 -28.24 1.22
CA GLU B 481 6.86 -28.96 0.22
C GLU B 481 8.17 -28.22 -0.06
N VAL B 482 9.09 -28.91 -0.75
CA VAL B 482 10.42 -28.38 -1.05
C VAL B 482 10.43 -27.93 -2.50
N GLU B 483 11.00 -26.74 -2.74
CA GLU B 483 11.06 -26.14 -4.06
C GLU B 483 12.40 -26.44 -4.70
N VAL B 484 12.38 -26.96 -5.92
CA VAL B 484 13.60 -27.25 -6.67
C VAL B 484 13.83 -26.11 -7.66
N HIS B 485 15.02 -25.52 -7.61
CA HIS B 485 15.40 -24.45 -8.51
C HIS B 485 16.36 -24.99 -9.56
N ASN B 486 16.33 -24.36 -10.74
CA ASN B 486 17.11 -24.87 -11.87
C ASN B 486 17.19 -23.78 -12.94
N LEU B 487 18.41 -23.54 -13.42
CA LEU B 487 18.64 -22.59 -14.51
C LEU B 487 18.62 -23.37 -15.81
N LEU B 488 17.46 -23.38 -16.46
CA LEU B 488 17.27 -24.11 -17.70
C LEU B 488 17.29 -23.15 -18.88
N ILE B 489 17.87 -23.60 -19.99
CA ILE B 489 18.05 -22.77 -21.17
C ILE B 489 16.96 -23.11 -22.18
N ILE B 490 16.47 -22.09 -22.88
CA ILE B 490 15.41 -22.24 -23.86
C ILE B 490 15.94 -21.80 -25.23
N ASP B 491 15.56 -22.56 -26.26
CA ASP B 491 15.96 -22.21 -27.61
C ASP B 491 15.29 -20.91 -28.04
N GLN B 492 15.95 -20.18 -28.93
CA GLN B 492 15.43 -18.91 -29.41
C GLN B 492 14.46 -19.08 -30.56
N HIS B 493 14.63 -20.12 -31.37
CA HIS B 493 13.79 -20.28 -32.56
C HIS B 493 12.49 -20.99 -32.23
N THR B 494 12.57 -22.21 -31.70
CA THR B 494 11.39 -23.03 -31.45
C THR B 494 11.01 -23.10 -29.98
N PHE B 495 11.88 -22.66 -29.07
CA PHE B 495 11.63 -22.53 -27.64
C PHE B 495 11.58 -23.87 -26.93
N GLU B 496 11.97 -24.96 -27.56
CA GLU B 496 12.10 -26.23 -26.85
C GLU B 496 13.24 -26.11 -25.83
N VAL B 497 13.00 -26.63 -24.63
CA VAL B 497 14.00 -26.55 -23.57
C VAL B 497 15.13 -27.52 -23.92
N LEU B 498 16.31 -26.98 -24.25
CA LEU B 498 17.42 -27.83 -24.65
C LEU B 498 18.01 -28.56 -23.45
N HIS B 499 18.25 -27.84 -22.35
CA HIS B 499 18.85 -28.42 -21.17
C HIS B 499 18.26 -27.80 -19.93
N ALA B 500 18.18 -28.59 -18.86
CA ALA B 500 17.62 -28.17 -17.58
C ALA B 500 18.60 -28.57 -16.49
N HIS B 501 19.40 -27.60 -16.02
CA HIS B 501 20.37 -27.87 -14.96
C HIS B 501 19.71 -27.64 -13.61
N GLN B 502 19.77 -28.65 -12.74
CA GLN B 502 19.19 -28.57 -11.41
C GLN B 502 20.25 -28.18 -10.40
N PHE B 503 19.85 -27.35 -9.44
CA PHE B 503 20.75 -26.84 -8.42
C PHE B 503 20.74 -27.74 -7.19
N LEU B 504 21.73 -27.51 -6.32
CA LEU B 504 21.83 -28.29 -5.10
C LEU B 504 20.52 -28.26 -4.34
N GLN B 505 20.29 -29.29 -3.54
CA GLN B 505 19.10 -29.33 -2.71
C GLN B 505 19.11 -28.15 -1.74
N ASN B 506 17.93 -27.56 -1.54
CA ASN B 506 17.73 -26.43 -0.64
C ASN B 506 18.45 -25.17 -1.13
N GLU B 507 18.77 -25.08 -2.41
CA GLU B 507 19.47 -23.93 -2.96
C GLU B 507 18.52 -23.14 -3.86
N TYR B 508 18.53 -21.82 -3.71
CA TYR B 508 17.65 -20.94 -4.45
C TYR B 508 18.43 -20.19 -5.52
N ALA B 509 17.83 -20.06 -6.70
CA ALA B 509 18.40 -19.30 -7.80
C ALA B 509 17.90 -17.87 -7.71
N LEU B 510 18.80 -16.94 -7.43
CA LEU B 510 18.41 -15.55 -7.15
C LEU B 510 18.51 -14.68 -8.40
N SER B 511 19.71 -14.59 -8.97
CA SER B 511 19.95 -13.70 -10.11
C SER B 511 20.73 -14.44 -11.18
N LEU B 512 20.52 -14.00 -12.42
CA LEU B 512 21.15 -14.63 -13.58
C LEU B 512 21.67 -13.53 -14.49
N VAL B 513 22.85 -13.76 -15.07
CA VAL B 513 23.45 -12.83 -16.02
C VAL B 513 24.27 -13.63 -17.03
N SER B 514 24.28 -13.16 -18.27
CA SER B 514 25.09 -13.72 -19.33
C SER B 514 25.94 -12.60 -19.91
N CYS B 515 27.26 -12.79 -19.91
CA CYS B 515 28.17 -11.75 -20.34
C CYS B 515 29.56 -12.34 -20.52
N LYS B 516 30.46 -11.54 -21.08
CA LYS B 516 31.87 -11.90 -21.23
C LYS B 516 32.65 -11.28 -20.07
N LEU B 517 33.62 -12.03 -19.55
CA LEU B 517 34.39 -11.61 -18.38
C LEU B 517 35.86 -11.52 -18.73
N GLY B 518 36.48 -10.42 -18.34
CA GLY B 518 37.93 -10.30 -18.48
C GLY B 518 38.36 -10.48 -19.93
N LYS B 519 39.36 -11.34 -20.12
CA LYS B 519 39.98 -11.53 -21.42
C LYS B 519 39.50 -12.78 -22.15
N ASP B 520 38.66 -13.61 -21.53
CA ASP B 520 38.26 -14.85 -22.17
C ASP B 520 37.44 -14.56 -23.43
N PRO B 521 37.65 -15.30 -24.52
CA PRO B 521 36.86 -15.03 -25.73
C PRO B 521 35.42 -15.49 -25.63
N ASN B 522 35.13 -16.48 -24.79
CA ASN B 522 33.81 -17.10 -24.74
C ASN B 522 32.87 -16.30 -23.83
N THR B 523 31.61 -16.73 -23.82
CA THR B 523 30.59 -16.15 -22.96
C THR B 523 30.10 -17.19 -21.96
N TYR B 524 29.91 -16.77 -20.72
CA TYR B 524 29.48 -17.64 -19.64
C TYR B 524 28.07 -17.28 -19.19
N PHE B 525 27.45 -18.22 -18.48
CA PHE B 525 26.12 -18.02 -17.89
C PHE B 525 26.30 -17.91 -16.38
N ILE B 526 26.51 -16.68 -15.91
CA ILE B 526 26.70 -16.45 -14.49
C ILE B 526 25.35 -16.36 -13.80
N VAL B 527 25.14 -17.18 -12.78
CA VAL B 527 23.89 -17.21 -12.03
C VAL B 527 24.23 -17.12 -10.55
N GLY B 528 23.53 -16.22 -9.85
CA GLY B 528 23.73 -16.09 -8.41
C GLY B 528 22.68 -16.88 -7.66
N THR B 529 23.12 -17.69 -6.70
CA THR B 529 22.24 -18.57 -5.95
C THR B 529 22.51 -18.40 -4.46
N ALA B 530 21.56 -18.87 -3.65
CA ALA B 530 21.66 -18.81 -2.21
C ALA B 530 21.19 -20.13 -1.63
N MET B 531 21.55 -20.37 -0.36
CA MET B 531 21.17 -21.58 0.36
C MET B 531 20.15 -21.20 1.42
N VAL B 532 19.08 -22.00 1.53
CA VAL B 532 18.00 -21.76 2.47
C VAL B 532 17.86 -22.98 3.37
N TYR B 533 17.69 -22.75 4.66
CA TYR B 533 17.43 -23.83 5.61
C TYR B 533 16.28 -23.42 6.52
N PRO B 534 15.39 -24.34 6.89
CA PRO B 534 14.30 -23.98 7.80
C PRO B 534 14.78 -23.47 9.14
N GLU B 535 15.97 -23.93 9.59
CA GLU B 535 16.45 -23.52 10.90
C GLU B 535 16.68 -22.01 10.97
N GLU B 536 17.26 -21.43 9.93
CA GLU B 536 17.60 -20.02 9.92
C GLU B 536 16.57 -19.23 9.13
N ALA B 537 16.40 -17.97 9.50
CA ALA B 537 15.46 -17.07 8.84
C ALA B 537 16.14 -16.09 7.90
N GLU B 538 17.45 -16.17 7.76
CA GLU B 538 18.19 -15.34 6.82
C GLU B 538 19.25 -16.18 6.13
N PRO B 539 19.60 -15.87 4.89
CA PRO B 539 20.65 -16.64 4.21
C PRO B 539 22.00 -16.43 4.88
N LYS B 540 22.84 -17.47 4.84
CA LYS B 540 24.19 -17.40 5.37
C LYS B 540 25.22 -18.00 4.43
N GLN B 541 24.80 -18.77 3.43
CA GLN B 541 25.70 -19.35 2.45
C GLN B 541 25.14 -19.10 1.07
N GLY B 542 26.03 -18.93 0.11
CA GLY B 542 25.63 -18.66 -1.26
C GLY B 542 26.55 -19.33 -2.26
N ARG B 543 26.35 -19.02 -3.54
CA ARG B 543 27.21 -19.57 -4.58
C ARG B 543 27.17 -18.66 -5.79
N ILE B 544 28.29 -18.60 -6.49
CA ILE B 544 28.41 -17.87 -7.76
C ILE B 544 29.04 -18.85 -8.74
N VAL B 545 28.24 -19.39 -9.64
CA VAL B 545 28.68 -20.41 -10.57
C VAL B 545 28.65 -19.84 -11.98
N VAL B 546 29.68 -20.14 -12.76
CA VAL B 546 29.78 -19.72 -14.15
C VAL B 546 29.55 -20.95 -15.02
N PHE B 547 28.56 -20.86 -15.90
CA PHE B 547 28.19 -21.96 -16.78
C PHE B 547 28.62 -21.65 -18.21
N GLN B 548 28.84 -22.72 -18.97
CA GLN B 548 29.16 -22.61 -20.39
C GLN B 548 28.32 -23.65 -21.13
N TYR B 549 27.53 -23.19 -22.09
CA TYR B 549 26.67 -24.07 -22.87
C TYR B 549 27.39 -24.46 -24.15
N SER B 550 28.03 -25.62 -24.11
CA SER B 550 28.76 -26.16 -25.25
C SER B 550 27.91 -27.20 -25.96
N ASP B 551 27.75 -27.06 -27.27
CA ASP B 551 26.96 -28.00 -28.06
C ASP B 551 25.55 -28.07 -27.51
N GLY B 552 25.21 -29.18 -26.85
CA GLY B 552 23.89 -29.35 -26.27
C GLY B 552 23.95 -29.65 -24.79
N LYS B 553 25.04 -29.25 -24.15
CA LYS B 553 25.24 -29.51 -22.73
C LYS B 553 25.79 -28.27 -22.05
N LEU B 554 25.43 -28.11 -20.78
CA LEU B 554 25.89 -27.00 -19.96
C LEU B 554 26.78 -27.56 -18.85
N GLN B 555 27.99 -27.02 -18.73
CA GLN B 555 28.95 -27.48 -17.75
C GLN B 555 29.39 -26.32 -16.87
N THR B 556 29.95 -26.67 -15.71
CA THR B 556 30.42 -25.70 -14.73
C THR B 556 31.93 -25.57 -14.89
N VAL B 557 32.39 -24.41 -15.33
CA VAL B 557 33.83 -24.19 -15.45
C VAL B 557 34.43 -23.78 -14.12
N ALA B 558 33.71 -22.97 -13.34
CA ALA B 558 34.21 -22.51 -12.06
C ALA B 558 33.04 -22.07 -11.20
N GLU B 559 33.30 -21.96 -9.90
CA GLU B 559 32.29 -21.55 -8.93
C GLU B 559 32.98 -20.86 -7.78
N LYS B 560 32.23 -20.02 -7.07
CA LYS B 560 32.74 -19.30 -5.92
C LYS B 560 31.72 -19.36 -4.80
N GLU B 561 32.19 -19.65 -3.59
CA GLU B 561 31.34 -19.69 -2.42
C GLU B 561 31.41 -18.35 -1.69
N VAL B 562 30.24 -17.77 -1.43
CA VAL B 562 30.15 -16.46 -0.80
C VAL B 562 29.21 -16.55 0.39
N LYS B 563 29.63 -15.99 1.52
CA LYS B 563 28.81 -15.96 2.71
C LYS B 563 27.68 -14.96 2.50
N GLY B 564 26.47 -15.47 2.30
CA GLY B 564 25.30 -14.65 2.04
C GLY B 564 24.59 -15.12 0.80
N ALA B 565 23.61 -14.31 0.38
CA ALA B 565 22.79 -14.60 -0.79
C ALA B 565 23.07 -13.58 -1.88
N VAL B 566 23.26 -14.06 -3.11
CA VAL B 566 23.59 -13.20 -4.23
C VAL B 566 22.30 -12.65 -4.83
N TYR B 567 21.80 -11.54 -4.28
CA TYR B 567 20.51 -11.02 -4.71
C TYR B 567 20.52 -10.65 -6.19
N SER B 568 21.55 -9.94 -6.63
CA SER B 568 21.60 -9.42 -7.98
C SER B 568 23.02 -9.46 -8.52
N MET B 569 23.14 -9.46 -9.84
CA MET B 569 24.43 -9.48 -10.51
C MET B 569 24.32 -8.65 -11.78
N VAL B 570 25.45 -8.08 -12.20
CA VAL B 570 25.49 -7.30 -13.42
C VAL B 570 26.95 -7.13 -13.85
N GLU B 571 27.20 -7.22 -15.14
CA GLU B 571 28.54 -7.00 -15.66
C GLU B 571 28.88 -5.51 -15.54
N PHE B 572 30.08 -5.22 -15.06
CA PHE B 572 30.53 -3.84 -14.87
C PHE B 572 31.95 -3.74 -15.41
N ASN B 573 32.10 -3.16 -16.60
CA ASN B 573 33.40 -2.93 -17.21
C ASN B 573 34.19 -4.22 -17.34
N GLY B 574 33.50 -5.33 -17.57
CA GLY B 574 34.14 -6.63 -17.66
C GLY B 574 34.38 -7.31 -16.33
N LYS B 575 33.90 -6.74 -15.23
CA LYS B 575 34.03 -7.33 -13.90
C LYS B 575 32.64 -7.63 -13.37
N LEU B 576 32.48 -8.82 -12.77
CA LEU B 576 31.18 -9.23 -12.25
C LEU B 576 30.84 -8.48 -10.97
N LEU B 577 29.90 -7.54 -11.06
CA LEU B 577 29.48 -6.75 -9.89
C LEU B 577 28.33 -7.49 -9.18
N ALA B 578 28.70 -8.56 -8.50
CA ALA B 578 27.73 -9.39 -7.80
C ALA B 578 27.40 -8.77 -6.45
N SER B 579 26.11 -8.58 -6.18
CA SER B 579 25.67 -8.02 -4.92
C SER B 579 25.31 -9.13 -3.95
N ILE B 580 25.86 -9.06 -2.74
CA ILE B 580 25.54 -10.01 -1.68
C ILE B 580 24.67 -9.27 -0.67
N ASN B 581 24.14 -9.99 0.31
CA ASN B 581 23.25 -9.37 1.30
C ASN B 581 23.93 -8.18 1.95
N SER B 582 23.39 -6.99 1.71
CA SER B 582 23.84 -5.76 2.34
C SER B 582 25.27 -5.39 1.94
N THR B 583 25.76 -5.91 0.82
CA THR B 583 27.10 -5.59 0.36
C THR B 583 27.11 -5.66 -1.17
N VAL B 584 28.14 -5.03 -1.75
CA VAL B 584 28.36 -5.06 -3.19
C VAL B 584 29.83 -5.36 -3.42
N ARG B 585 30.12 -6.20 -4.41
CA ARG B 585 31.47 -6.66 -4.66
C ARG B 585 31.79 -6.56 -6.15
N LEU B 586 33.07 -6.45 -6.45
CA LEU B 586 33.58 -6.48 -7.81
C LEU B 586 34.54 -7.65 -7.94
N TYR B 587 34.31 -8.47 -8.95
CA TYR B 587 35.09 -9.69 -9.18
C TYR B 587 35.83 -9.58 -10.50
N GLU B 588 37.10 -9.95 -10.49
CA GLU B 588 37.92 -9.98 -11.70
C GLU B 588 38.10 -11.43 -12.14
N TRP B 589 37.82 -11.70 -13.41
CA TRP B 589 37.94 -13.04 -13.98
C TRP B 589 39.40 -13.25 -14.35
N THR B 590 40.11 -14.01 -13.54
CA THR B 590 41.55 -14.15 -13.69
C THR B 590 41.90 -15.13 -14.80
N THR B 591 43.19 -15.28 -15.08
CA THR B 591 43.65 -16.23 -16.08
C THR B 591 43.41 -17.67 -15.65
N GLU B 592 43.38 -17.94 -14.34
CA GLU B 592 43.06 -19.27 -13.85
C GLU B 592 41.58 -19.59 -13.92
N LYS B 593 40.79 -18.74 -14.58
CA LYS B 593 39.34 -18.95 -14.72
C LYS B 593 38.67 -19.10 -13.35
N GLU B 594 39.02 -18.20 -12.44
CA GLU B 594 38.41 -18.15 -11.13
C GLU B 594 38.12 -16.70 -10.78
N LEU B 595 37.11 -16.51 -9.93
CA LEU B 595 36.68 -15.16 -9.54
C LEU B 595 37.49 -14.71 -8.34
N ARG B 596 38.07 -13.52 -8.43
CA ARG B 596 38.85 -12.93 -7.35
C ARG B 596 38.24 -11.58 -7.02
N THR B 597 37.87 -11.38 -5.76
CA THR B 597 37.25 -10.13 -5.34
C THR B 597 38.27 -8.99 -5.40
N GLU B 598 37.77 -7.80 -5.72
CA GLU B 598 38.61 -6.60 -5.84
C GLU B 598 38.31 -5.57 -4.78
N CYS B 599 37.05 -5.12 -4.67
CA CYS B 599 36.69 -4.10 -3.71
C CYS B 599 35.24 -4.30 -3.30
N ASN B 600 34.90 -3.75 -2.13
CA ASN B 600 33.58 -3.93 -1.54
C ASN B 600 33.02 -2.59 -1.08
N HIS B 601 31.72 -2.57 -0.82
CA HIS B 601 31.03 -1.38 -0.31
C HIS B 601 29.94 -1.86 0.64
N TYR B 602 30.24 -1.89 1.93
CA TYR B 602 29.36 -2.51 2.91
C TYR B 602 28.25 -1.60 3.39
N ASN B 603 28.25 -0.32 2.99
CA ASN B 603 27.25 0.63 3.48
C ASN B 603 25.95 0.41 2.72
N ASN B 604 25.25 -0.67 3.07
CA ASN B 604 23.97 -0.99 2.47
C ASN B 604 23.10 -1.73 3.46
N ILE B 605 21.79 -1.62 3.28
CA ILE B 605 20.84 -2.40 4.07
C ILE B 605 20.46 -3.68 3.34
N MET B 606 19.98 -3.57 2.11
CA MET B 606 19.71 -4.73 1.27
C MET B 606 19.85 -4.34 -0.19
N ALA B 607 21.00 -4.68 -0.80
CA ALA B 607 21.26 -4.33 -2.18
C ALA B 607 20.57 -5.34 -3.08
N LEU B 608 19.41 -4.96 -3.61
CA LEU B 608 18.60 -5.86 -4.41
C LEU B 608 18.53 -5.49 -5.89
N TYR B 609 18.94 -4.28 -6.26
CA TYR B 609 18.87 -3.83 -7.64
C TYR B 609 20.18 -3.19 -8.04
N LEU B 610 20.65 -3.52 -9.25
CA LEU B 610 21.91 -3.00 -9.77
C LEU B 610 21.69 -2.59 -11.22
N LYS B 611 21.88 -1.32 -11.52
CA LYS B 611 21.88 -0.81 -12.89
C LYS B 611 23.11 0.05 -13.08
N THR B 612 23.87 -0.22 -14.14
CA THR B 612 25.13 0.46 -14.37
C THR B 612 25.14 1.09 -15.75
N LYS B 613 25.63 2.33 -15.83
CA LYS B 613 25.86 3.02 -17.08
C LYS B 613 27.27 3.57 -17.08
N GLY B 614 28.03 3.25 -18.12
CA GLY B 614 29.43 3.67 -18.15
C GLY B 614 30.15 3.12 -16.95
N ASP B 615 30.76 4.02 -16.15
CA ASP B 615 31.48 3.65 -14.95
C ASP B 615 30.67 3.95 -13.69
N PHE B 616 29.35 4.13 -13.82
CA PHE B 616 28.50 4.46 -12.70
C PHE B 616 27.69 3.23 -12.29
N ILE B 617 27.36 3.17 -11.01
CA ILE B 617 26.59 2.07 -10.45
C ILE B 617 25.42 2.64 -9.67
N LEU B 618 24.27 1.99 -9.79
CA LEU B 618 23.05 2.39 -9.10
C LEU B 618 22.59 1.22 -8.26
N VAL B 619 22.66 1.36 -6.94
CA VAL B 619 22.23 0.32 -6.02
C VAL B 619 20.88 0.75 -5.47
N GLY B 620 19.85 -0.04 -5.76
CA GLY B 620 18.52 0.23 -5.26
C GLY B 620 18.22 -0.54 -3.99
N ASP B 621 18.32 0.12 -2.85
CA ASP B 621 18.12 -0.56 -1.58
C ASP B 621 16.64 -0.87 -1.38
N LEU B 622 16.37 -1.94 -0.63
CA LEU B 622 14.99 -2.35 -0.40
C LEU B 622 14.23 -1.30 0.41
N MET B 623 14.89 -0.73 1.42
CA MET B 623 14.24 0.24 2.31
C MET B 623 15.06 1.50 2.51
N ARG B 624 16.01 1.77 1.61
CA ARG B 624 16.89 2.92 1.73
C ARG B 624 16.90 3.75 0.46
N SER B 625 15.79 3.74 -0.28
CA SER B 625 15.66 4.47 -1.54
C SER B 625 16.80 4.01 -2.45
N VAL B 626 17.56 4.92 -3.07
CA VAL B 626 18.58 4.55 -4.04
C VAL B 626 19.89 5.26 -3.69
N LEU B 627 20.99 4.67 -4.13
CA LEU B 627 22.32 5.23 -3.94
C LEU B 627 23.08 5.15 -5.25
N LEU B 628 23.98 6.10 -5.45
CA LEU B 628 24.84 6.12 -6.63
C LEU B 628 26.28 5.90 -6.19
N LEU B 629 26.99 5.05 -6.92
CA LEU B 629 28.37 4.74 -6.64
C LEU B 629 29.23 5.06 -7.86
N ALA B 630 30.54 4.87 -7.71
CA ALA B 630 31.48 5.08 -8.79
C ALA B 630 32.71 4.24 -8.53
N TYR B 631 33.31 3.74 -9.60
CA TYR B 631 34.52 2.94 -9.54
C TYR B 631 35.65 3.75 -10.15
N LYS B 632 36.72 3.94 -9.40
CA LYS B 632 37.85 4.74 -9.87
C LYS B 632 38.95 3.81 -10.35
N PRO B 633 39.22 3.72 -11.65
CA PRO B 633 40.32 2.86 -12.10
C PRO B 633 41.66 3.27 -11.51
N MET B 634 41.87 4.55 -11.27
CA MET B 634 43.14 5.00 -10.72
C MET B 634 43.40 4.38 -9.35
N GLU B 635 42.38 4.31 -8.51
CA GLU B 635 42.50 3.72 -7.19
C GLU B 635 41.90 2.33 -7.10
N GLY B 636 41.07 1.94 -8.07
CA GLY B 636 40.47 0.62 -8.05
C GLY B 636 39.66 0.37 -6.79
N ASN B 637 38.82 1.33 -6.41
CA ASN B 637 38.01 1.20 -5.22
C ASN B 637 36.72 1.97 -5.40
N PHE B 638 35.69 1.55 -4.67
CA PHE B 638 34.41 2.21 -4.72
C PHE B 638 34.46 3.53 -3.96
N GLU B 639 33.77 4.54 -4.49
CA GLU B 639 33.70 5.85 -3.87
C GLU B 639 32.27 6.35 -4.02
N GLU B 640 31.49 6.26 -2.95
CA GLU B 640 30.11 6.73 -3.00
C GLU B 640 30.10 8.19 -3.41
N ILE B 641 29.19 8.53 -4.31
CA ILE B 641 29.14 9.86 -4.92
C ILE B 641 27.89 10.63 -4.48
N ALA B 642 26.72 9.99 -4.54
CA ALA B 642 25.47 10.67 -4.19
C ALA B 642 24.45 9.62 -3.76
N ARG B 643 23.43 10.09 -3.06
CA ARG B 643 22.43 9.17 -2.54
C ARG B 643 21.14 9.94 -2.24
N ASP B 644 20.01 9.25 -2.40
CA ASP B 644 18.70 9.82 -2.12
C ASP B 644 18.35 9.50 -0.68
N PHE B 645 18.23 10.53 0.15
CA PHE B 645 18.01 10.35 1.58
C PHE B 645 16.54 10.12 1.93
N ASN B 646 15.63 10.26 0.98
CA ASN B 646 14.22 10.07 1.27
C ASN B 646 13.96 8.61 1.62
N PRO B 647 12.98 8.34 2.50
CA PRO B 647 12.64 6.94 2.80
C PRO B 647 11.66 6.37 1.78
N ASN B 648 12.10 5.37 1.03
CA ASN B 648 11.25 4.75 0.01
C ASN B 648 11.56 3.26 -0.05
N TRP B 649 10.53 2.48 -0.37
CA TRP B 649 10.67 1.04 -0.57
C TRP B 649 10.68 0.79 -2.08
N MET B 650 11.89 0.63 -2.63
CA MET B 650 12.04 0.51 -4.07
C MET B 650 11.66 -0.89 -4.54
N SER B 651 11.08 -0.94 -5.74
CA SER B 651 10.81 -2.19 -6.41
C SER B 651 11.63 -2.39 -7.67
N ALA B 652 12.11 -1.31 -8.29
CA ALA B 652 12.97 -1.40 -9.46
C ALA B 652 13.59 -0.02 -9.69
N VAL B 653 14.77 -0.01 -10.27
CA VAL B 653 15.52 1.22 -10.50
C VAL B 653 16.13 1.19 -11.89
N GLU B 654 16.08 2.32 -12.57
CA GLU B 654 16.66 2.47 -13.91
C GLU B 654 17.37 3.81 -13.98
N ILE B 655 18.51 3.82 -14.66
CA ILE B 655 19.30 5.03 -14.85
C ILE B 655 18.97 5.58 -16.23
N LEU B 656 18.10 6.58 -16.30
CA LEU B 656 17.68 7.12 -17.59
C LEU B 656 18.87 7.69 -18.35
N ASP B 657 19.72 8.45 -17.67
CA ASP B 657 20.88 9.06 -18.30
C ASP B 657 21.99 9.14 -17.26
N ASP B 658 23.08 9.83 -17.60
CA ASP B 658 24.18 9.96 -16.66
C ASP B 658 23.78 10.76 -15.43
N ASP B 659 22.65 11.48 -15.50
CA ASP B 659 22.20 12.33 -14.40
C ASP B 659 20.87 11.89 -13.80
N ASN B 660 19.87 11.59 -14.63
CA ASN B 660 18.53 11.29 -14.14
C ASN B 660 18.39 9.80 -13.87
N PHE B 661 18.03 9.46 -12.64
CA PHE B 661 17.88 8.07 -12.20
C PHE B 661 16.43 7.83 -11.81
N LEU B 662 15.72 7.05 -12.62
CA LEU B 662 14.33 6.76 -12.34
C LEU B 662 14.21 5.62 -11.32
N GLY B 663 13.12 5.63 -10.57
CA GLY B 663 12.87 4.61 -9.58
C GLY B 663 11.39 4.44 -9.36
N ALA B 664 11.01 3.23 -8.95
CA ALA B 664 9.62 2.89 -8.66
C ALA B 664 9.55 2.24 -7.29
N GLU B 665 8.57 2.64 -6.49
CA GLU B 665 8.48 2.21 -5.10
C GLU B 665 7.20 1.40 -4.87
N ASN B 666 7.10 0.86 -3.65
CA ASN B 666 6.01 -0.04 -3.31
C ASN B 666 4.65 0.65 -3.31
N ALA B 667 4.62 1.97 -3.18
CA ALA B 667 3.36 2.69 -3.15
C ALA B 667 2.77 2.93 -4.54
N PHE B 668 3.28 2.26 -5.57
CA PHE B 668 2.77 2.38 -6.93
C PHE B 668 3.03 3.76 -7.51
N ASN B 669 4.16 4.37 -7.18
CA ASN B 669 4.50 5.70 -7.67
C ASN B 669 5.88 5.69 -8.32
N LEU B 670 6.05 6.53 -9.32
CA LEU B 670 7.31 6.72 -10.00
C LEU B 670 7.93 8.04 -9.56
N PHE B 671 9.24 8.03 -9.34
CA PHE B 671 9.97 9.24 -9.00
C PHE B 671 11.34 9.19 -9.64
N VAL B 672 11.80 10.34 -10.13
CA VAL B 672 13.11 10.46 -10.75
C VAL B 672 13.91 11.48 -9.97
N CYS B 673 15.10 11.09 -9.53
CA CYS B 673 16.01 11.97 -8.81
C CYS B 673 17.28 12.13 -9.63
N GLN B 674 17.73 13.38 -9.79
CA GLN B 674 18.87 13.71 -10.62
C GLN B 674 20.02 14.21 -9.76
N LYS B 675 21.22 13.72 -10.05
CA LYS B 675 22.41 14.21 -9.37
C LYS B 675 22.56 15.70 -9.66
N ASP B 676 22.82 16.48 -8.61
CA ASP B 676 22.94 17.93 -8.71
C ASP B 676 24.39 18.31 -8.53
N SER B 677 24.99 18.89 -9.58
CA SER B 677 26.34 19.43 -9.52
C SER B 677 26.36 20.94 -9.63
N ALA B 678 25.21 21.58 -9.91
CA ALA B 678 25.18 23.03 -10.01
C ALA B 678 25.56 23.68 -8.67
N ALA B 679 25.05 23.15 -7.57
CA ALA B 679 25.39 23.67 -6.25
C ALA B 679 26.82 23.29 -5.90
N THR B 680 27.61 24.26 -5.47
CA THR B 680 29.01 24.04 -5.13
C THR B 680 29.14 23.82 -3.62
N THR B 681 28.60 22.69 -3.17
CA THR B 681 28.65 22.31 -1.77
C THR B 681 28.90 20.82 -1.68
N ASP B 682 29.78 20.40 -0.77
CA ASP B 682 30.07 18.99 -0.61
C ASP B 682 28.82 18.22 -0.20
N GLU B 683 28.06 18.75 0.76
CA GLU B 683 26.82 18.11 1.17
C GLU B 683 25.82 18.09 0.02
N GLU B 684 25.66 19.22 -0.67
CA GLU B 684 24.73 19.26 -1.80
C GLU B 684 25.18 18.37 -2.94
N ARG B 685 26.50 18.29 -3.19
CA ARG B 685 27.00 17.43 -4.25
C ARG B 685 26.61 15.97 -4.01
N GLN B 686 26.66 15.52 -2.77
CA GLN B 686 26.28 14.15 -2.42
C GLN B 686 24.80 14.01 -2.10
N HIS B 687 23.97 14.91 -2.63
CA HIS B 687 22.53 14.91 -2.37
C HIS B 687 21.78 14.72 -3.66
N LEU B 688 20.85 13.76 -3.67
CA LEU B 688 19.99 13.49 -4.82
C LEU B 688 18.61 14.04 -4.50
N GLN B 689 18.16 15.03 -5.27
CA GLN B 689 16.87 15.65 -5.07
C GLN B 689 15.85 15.07 -6.05
N GLU B 690 14.68 14.71 -5.53
CA GLU B 690 13.62 14.14 -6.37
C GLU B 690 12.94 15.26 -7.13
N VAL B 691 13.18 15.32 -8.44
CA VAL B 691 12.65 16.36 -9.29
C VAL B 691 11.45 15.89 -10.09
N GLY B 692 10.96 14.69 -9.84
CA GLY B 692 9.81 14.17 -10.53
C GLY B 692 9.00 13.20 -9.69
N LEU B 693 7.68 13.35 -9.70
CA LEU B 693 6.80 12.52 -8.89
C LEU B 693 5.57 12.16 -9.70
N PHE B 694 5.15 10.90 -9.59
CA PHE B 694 4.02 10.41 -10.37
C PHE B 694 3.46 9.17 -9.70
N HIS B 695 2.13 9.09 -9.64
CA HIS B 695 1.44 7.94 -9.09
C HIS B 695 1.02 7.05 -10.25
N LEU B 696 1.91 6.11 -10.61
CA LEU B 696 1.63 5.24 -11.73
C LEU B 696 0.37 4.40 -11.49
N GLY B 697 0.23 3.87 -10.29
CA GLY B 697 -0.92 3.04 -9.96
C GLY B 697 -0.71 1.56 -10.18
N GLU B 698 0.53 1.11 -10.35
CA GLU B 698 0.83 -0.30 -10.51
C GLU B 698 2.19 -0.59 -9.91
N PHE B 699 2.40 -1.84 -9.51
CA PHE B 699 3.65 -2.26 -8.90
C PHE B 699 4.63 -2.63 -10.00
N VAL B 700 5.65 -1.79 -10.18
CA VAL B 700 6.63 -2.00 -11.23
C VAL B 700 7.66 -3.01 -10.74
N ASN B 701 7.91 -4.03 -11.55
CA ASN B 701 8.81 -5.12 -11.18
C ASN B 701 10.18 -5.03 -11.83
N VAL B 702 10.27 -4.56 -13.06
CA VAL B 702 11.54 -4.57 -13.78
C VAL B 702 11.56 -3.44 -14.79
N PHE B 703 12.73 -2.86 -14.98
CA PHE B 703 13.00 -1.88 -16.03
C PHE B 703 14.00 -2.47 -17.01
N CYS B 704 13.84 -2.15 -18.28
CA CYS B 704 14.78 -2.59 -19.30
C CYS B 704 14.82 -1.57 -20.42
N HIS B 705 16.00 -1.36 -20.97
CA HIS B 705 16.18 -0.36 -22.02
C HIS B 705 15.88 -0.98 -23.38
N GLY B 706 15.03 -0.32 -24.14
CA GLY B 706 14.69 -0.80 -25.46
C GLY B 706 13.41 -0.15 -25.96
N SER B 707 12.96 -0.63 -27.12
CA SER B 707 11.72 -0.17 -27.71
C SER B 707 11.19 -1.27 -28.63
N LEU B 708 9.89 -1.20 -28.89
CA LEU B 708 9.22 -2.18 -29.75
C LEU B 708 9.05 -1.71 -31.18
N VAL B 709 9.18 -0.41 -31.43
CA VAL B 709 9.03 0.10 -32.78
C VAL B 709 10.32 -0.07 -33.56
N MET B 710 10.22 0.02 -34.88
CA MET B 710 11.39 -0.13 -35.73
C MET B 710 12.44 0.92 -35.39
N GLN B 711 13.70 0.49 -35.38
CA GLN B 711 14.81 1.39 -35.06
C GLN B 711 14.90 2.52 -36.09
N PRO B 719 11.33 13.54 -31.30
CA PRO B 719 11.17 14.51 -30.21
C PRO B 719 11.72 13.97 -28.88
N THR B 720 11.37 12.74 -28.56
CA THR B 720 11.83 12.11 -27.33
C THR B 720 13.20 11.50 -27.54
N GLN B 721 14.07 11.65 -26.55
CA GLN B 721 15.46 11.25 -26.67
C GLN B 721 15.69 9.76 -26.40
N GLY B 722 15.06 9.23 -25.35
CA GLY B 722 15.25 7.83 -25.00
C GLY B 722 13.97 7.24 -24.45
N SER B 723 13.88 5.92 -24.52
CA SER B 723 12.71 5.18 -24.08
C SER B 723 13.10 4.08 -23.12
N VAL B 724 12.27 3.84 -22.11
CA VAL B 724 12.49 2.82 -21.10
C VAL B 724 11.22 2.01 -20.94
N LEU B 725 11.36 0.69 -20.93
CA LEU B 725 10.24 -0.22 -20.77
C LEU B 725 10.19 -0.73 -19.34
N PHE B 726 8.98 -0.81 -18.78
CA PHE B 726 8.79 -1.32 -17.43
C PHE B 726 7.59 -2.25 -17.40
N GLY B 727 7.70 -3.31 -16.62
CA GLY B 727 6.64 -4.28 -16.48
C GLY B 727 6.10 -4.27 -15.06
N THR B 728 4.80 -4.48 -14.92
CA THR B 728 4.13 -4.38 -13.64
C THR B 728 3.59 -5.75 -13.22
N VAL B 729 3.11 -5.81 -11.98
CA VAL B 729 2.49 -7.03 -11.48
C VAL B 729 1.14 -7.27 -12.12
N ASN B 730 0.45 -6.22 -12.56
CA ASN B 730 -0.83 -6.34 -13.21
C ASN B 730 -0.70 -6.65 -14.69
N GLY B 731 0.52 -6.86 -15.19
CA GLY B 731 0.74 -7.17 -16.57
C GLY B 731 0.81 -5.98 -17.50
N MET B 732 0.69 -4.76 -16.98
CA MET B 732 0.78 -3.58 -17.82
C MET B 732 2.23 -3.33 -18.22
N ILE B 733 2.43 -2.93 -19.46
CA ILE B 733 3.74 -2.61 -20.00
C ILE B 733 3.68 -1.17 -20.49
N GLY B 734 4.61 -0.33 -20.00
CA GLY B 734 4.59 1.07 -20.29
C GLY B 734 5.95 1.57 -20.73
N LEU B 735 5.93 2.76 -21.33
CA LEU B 735 7.13 3.44 -21.78
C LEU B 735 7.31 4.73 -21.01
N VAL B 736 8.56 5.03 -20.67
CA VAL B 736 8.93 6.31 -20.07
C VAL B 736 9.93 6.97 -20.99
N THR B 737 9.63 8.19 -21.42
CA THR B 737 10.44 8.89 -22.40
C THR B 737 10.73 10.30 -21.91
N SER B 738 11.96 10.74 -22.11
CA SER B 738 12.37 12.08 -21.72
C SER B 738 11.86 13.11 -22.71
N LEU B 739 11.65 14.33 -22.22
CA LEU B 739 11.20 15.44 -23.05
C LEU B 739 12.07 16.66 -22.80
N SER B 740 12.18 17.50 -23.83
CA SER B 740 12.83 18.78 -23.66
C SER B 740 11.95 19.70 -22.82
N GLU B 741 12.57 20.75 -22.28
CA GLU B 741 11.85 21.66 -21.40
C GLU B 741 10.66 22.29 -22.12
N SER B 742 10.88 22.78 -23.34
CA SER B 742 9.80 23.45 -24.07
C SER B 742 8.67 22.48 -24.36
N TRP B 743 9.00 21.28 -24.84
CA TRP B 743 7.97 20.30 -25.13
C TRP B 743 7.23 19.89 -23.87
N TYR B 744 7.95 19.73 -22.76
CA TYR B 744 7.28 19.36 -21.51
C TYR B 744 6.32 20.45 -21.08
N ASN B 745 6.73 21.71 -21.18
CA ASN B 745 5.81 22.80 -20.83
C ASN B 745 4.59 22.81 -21.73
N LEU B 746 4.80 22.63 -23.03
CA LEU B 746 3.69 22.62 -23.96
C LEU B 746 2.71 21.51 -23.63
N LEU B 747 3.22 20.31 -23.37
CA LEU B 747 2.34 19.18 -23.08
C LEU B 747 1.65 19.35 -21.73
N LEU B 748 2.33 19.94 -20.75
CA LEU B 748 1.69 20.19 -19.46
C LEU B 748 0.53 21.17 -19.62
N ASP B 749 0.74 22.24 -20.38
CA ASP B 749 -0.34 23.18 -20.64
C ASP B 749 -1.48 22.51 -21.38
N MET B 750 -1.15 21.69 -22.38
CA MET B 750 -2.19 20.99 -23.14
C MET B 750 -3.00 20.07 -22.24
N GLN B 751 -2.32 19.34 -21.35
CA GLN B 751 -3.02 18.44 -20.44
C GLN B 751 -3.89 19.20 -19.48
N ASN B 752 -3.40 20.33 -18.95
CA ASN B 752 -4.20 21.12 -18.04
C ASN B 752 -5.46 21.63 -18.73
N ARG B 753 -5.31 22.12 -19.96
CA ARG B 753 -6.50 22.55 -20.71
C ARG B 753 -7.43 21.38 -20.99
N LEU B 754 -6.87 20.21 -21.29
CA LEU B 754 -7.68 19.05 -21.60
C LEU B 754 -8.52 18.62 -20.41
N ASN B 755 -7.95 18.70 -19.20
CA ASN B 755 -8.70 18.29 -18.02
C ASN B 755 -10.05 18.98 -17.94
N LYS B 756 -10.12 20.24 -18.33
CA LYS B 756 -11.39 20.96 -18.26
C LYS B 756 -12.40 20.39 -19.24
N VAL B 757 -11.95 19.97 -20.42
CA VAL B 757 -12.86 19.57 -21.50
C VAL B 757 -13.14 18.08 -21.53
N ILE B 758 -12.55 17.30 -20.62
CA ILE B 758 -12.78 15.86 -20.56
C ILE B 758 -13.41 15.55 -19.21
N LYS B 759 -14.55 14.86 -19.23
CA LYS B 759 -15.26 14.48 -18.03
C LYS B 759 -14.78 13.13 -17.54
N SER B 760 -14.72 12.97 -16.22
CA SER B 760 -14.23 11.74 -15.59
C SER B 760 -15.39 11.02 -14.93
N VAL B 761 -15.56 9.75 -15.26
CA VAL B 761 -16.57 8.94 -14.58
C VAL B 761 -16.18 8.83 -13.11
N GLY B 762 -17.14 9.12 -12.23
CA GLY B 762 -16.89 9.22 -10.81
C GLY B 762 -16.43 10.58 -10.35
N LYS B 763 -16.28 11.54 -11.27
CA LYS B 763 -15.90 12.90 -10.93
C LYS B 763 -14.64 12.92 -10.06
N ILE B 764 -13.58 12.30 -10.58
CA ILE B 764 -12.29 12.23 -9.92
C ILE B 764 -11.31 13.11 -10.68
N GLU B 765 -10.72 14.06 -9.97
CA GLU B 765 -9.81 15.02 -10.61
C GLU B 765 -8.53 14.31 -11.03
N HIS B 766 -8.12 14.52 -12.28
CA HIS B 766 -6.92 13.84 -12.77
C HIS B 766 -5.70 14.23 -11.94
N SER B 767 -5.62 15.50 -11.53
CA SER B 767 -4.50 15.92 -10.71
C SER B 767 -4.43 15.10 -9.43
N PHE B 768 -5.57 14.89 -8.78
CA PHE B 768 -5.59 14.07 -7.57
C PHE B 768 -5.23 12.62 -7.90
N TRP B 769 -5.74 12.10 -9.02
CA TRP B 769 -5.44 10.72 -9.38
C TRP B 769 -3.95 10.50 -9.54
N ARG B 770 -3.28 11.35 -10.31
CA ARG B 770 -1.86 11.18 -10.58
C ARG B 770 -0.97 11.76 -9.50
N SER B 771 -1.51 12.53 -8.56
CA SER B 771 -0.70 13.12 -7.52
C SER B 771 0.05 12.05 -6.74
N PHE B 772 1.37 12.20 -6.62
CA PHE B 772 2.17 11.29 -5.81
C PHE B 772 1.57 11.16 -4.43
N HIS B 773 1.26 9.93 -4.03
CA HIS B 773 0.60 9.67 -2.76
C HIS B 773 1.27 8.50 -2.05
N THR B 774 1.54 8.68 -0.76
CA THR B 774 2.08 7.62 0.07
C THR B 774 1.76 7.97 1.52
N GLU B 775 1.91 6.98 2.40
CA GLU B 775 1.54 7.18 3.80
C GLU B 775 2.23 8.40 4.39
N ARG B 776 3.52 8.57 4.11
CA ARG B 776 4.25 9.69 4.69
C ARG B 776 3.71 11.03 4.21
N LYS B 777 3.55 11.18 2.90
CA LYS B 777 3.11 12.45 2.34
C LYS B 777 2.53 12.21 0.95
N THR B 778 1.82 13.21 0.45
CA THR B 778 1.23 13.18 -0.89
C THR B 778 1.39 14.56 -1.51
N GLU B 779 2.04 14.62 -2.67
CA GLU B 779 2.27 15.89 -3.35
C GLU B 779 1.86 15.78 -4.82
N PRO B 780 1.49 16.90 -5.45
CA PRO B 780 1.08 16.84 -6.86
C PRO B 780 2.21 16.33 -7.74
N ALA B 781 1.85 15.59 -8.78
CA ALA B 781 2.84 15.05 -9.69
C ALA B 781 3.54 16.18 -10.44
N THR B 782 4.85 16.05 -10.60
CA THR B 782 5.65 17.04 -11.30
C THR B 782 6.64 16.34 -12.21
N GLY B 783 6.92 16.96 -13.36
CA GLY B 783 7.91 16.43 -14.28
C GLY B 783 7.49 15.20 -15.02
N PHE B 784 6.24 14.78 -14.91
CA PHE B 784 5.73 13.59 -15.59
C PHE B 784 4.46 13.97 -16.33
N ILE B 785 4.43 13.71 -17.63
CA ILE B 785 3.27 13.97 -18.46
C ILE B 785 2.55 12.64 -18.68
N ASP B 786 1.29 12.57 -18.27
CA ASP B 786 0.52 11.33 -18.37
C ASP B 786 0.19 11.10 -19.83
N GLY B 787 0.94 10.21 -20.47
CA GLY B 787 0.74 9.98 -21.89
C GLY B 787 -0.65 9.46 -22.22
N ASP B 788 -1.24 8.68 -21.31
CA ASP B 788 -2.57 8.16 -21.58
C ASP B 788 -3.57 9.29 -21.76
N LEU B 789 -3.50 10.31 -20.90
CA LEU B 789 -4.39 11.46 -21.05
C LEU B 789 -4.10 12.21 -22.34
N ILE B 790 -2.83 12.41 -22.68
CA ILE B 790 -2.51 13.12 -23.91
C ILE B 790 -3.06 12.36 -25.11
N GLU B 791 -2.95 11.04 -25.11
CA GLU B 791 -3.43 10.26 -26.24
C GLU B 791 -4.95 10.37 -26.41
N SER B 792 -5.67 10.68 -25.32
CA SER B 792 -7.12 10.89 -25.45
C SER B 792 -7.42 11.99 -26.44
N PHE B 793 -6.61 13.04 -26.45
CA PHE B 793 -6.69 14.05 -27.50
C PHE B 793 -6.44 13.36 -28.84
N LEU B 794 -7.10 13.88 -29.88
CA LEU B 794 -7.09 13.23 -31.19
C LEU B 794 -8.07 12.06 -31.18
N ASP B 795 -8.76 11.86 -30.06
CA ASP B 795 -9.87 10.92 -29.98
C ASP B 795 -11.15 11.58 -29.51
N ILE B 796 -11.07 12.81 -28.98
CA ILE B 796 -12.23 13.55 -28.54
C ILE B 796 -12.90 14.20 -29.75
N SER B 797 -14.11 14.72 -29.56
CA SER B 797 -14.85 15.32 -30.64
C SER B 797 -14.15 16.58 -31.14
N ARG B 798 -14.38 16.90 -32.41
CA ARG B 798 -13.76 18.08 -33.02
C ARG B 798 -14.02 19.36 -32.24
N PRO B 799 -15.24 19.67 -31.83
CA PRO B 799 -15.42 20.87 -30.98
C PRO B 799 -14.62 20.80 -29.70
N LYS B 800 -14.49 19.62 -29.09
CA LYS B 800 -13.67 19.48 -27.91
C LYS B 800 -12.20 19.76 -28.23
N MET B 801 -11.72 19.22 -29.35
CA MET B 801 -10.33 19.46 -29.74
C MET B 801 -10.09 20.95 -29.94
N GLN B 802 -11.04 21.63 -30.58
CA GLN B 802 -10.91 23.07 -30.76
C GLN B 802 -10.93 23.81 -29.42
N GLU B 803 -11.81 23.41 -28.49
CA GLU B 803 -11.85 24.06 -27.20
C GLU B 803 -10.55 23.86 -26.43
N VAL B 804 -9.88 22.73 -26.63
CA VAL B 804 -8.61 22.49 -25.95
C VAL B 804 -7.56 23.51 -26.38
N VAL B 805 -7.56 23.88 -27.66
CA VAL B 805 -6.57 24.82 -28.20
C VAL B 805 -7.26 26.08 -28.67
N ALA B 806 -8.35 26.44 -27.98
CA ALA B 806 -9.18 27.56 -28.44
C ALA B 806 -8.38 28.86 -28.50
N ASN B 807 -7.56 29.12 -27.50
CA ASN B 807 -6.81 30.38 -27.41
C ASN B 807 -5.34 30.09 -27.07
N LEU B 808 -4.75 29.14 -27.80
CA LEU B 808 -3.36 28.78 -27.59
C LEU B 808 -2.46 29.50 -28.58
N GLU B 819 -1.39 31.35 -33.04
CA GLU B 819 -2.39 30.35 -32.71
C GLU B 819 -1.98 28.98 -33.23
N ALA B 820 -2.34 27.93 -32.50
CA ALA B 820 -1.98 26.56 -32.85
C ALA B 820 -3.06 25.84 -33.67
N THR B 821 -4.25 26.41 -33.77
CA THR B 821 -5.36 25.78 -34.52
C THR B 821 -5.57 24.38 -33.93
N ALA B 822 -5.89 23.39 -34.76
CA ALA B 822 -6.11 22.02 -34.30
C ALA B 822 -5.23 21.02 -35.03
N ASP B 823 -4.84 21.32 -36.28
CA ASP B 823 -4.03 20.39 -37.05
C ASP B 823 -2.67 20.16 -36.40
N ASP B 824 -2.06 21.23 -35.87
CA ASP B 824 -0.74 21.09 -35.25
C ASP B 824 -0.80 20.18 -34.03
N LEU B 825 -1.84 20.36 -33.21
CA LEU B 825 -1.98 19.50 -32.03
C LEU B 825 -2.15 18.04 -32.44
N ILE B 826 -2.96 17.79 -33.48
CA ILE B 826 -3.15 16.42 -33.95
C ILE B 826 -1.83 15.85 -34.45
N LYS B 827 -1.05 16.66 -35.17
CA LYS B 827 0.22 16.17 -35.70
C LYS B 827 1.18 15.82 -34.58
N VAL B 828 1.31 16.69 -33.58
CA VAL B 828 2.21 16.40 -32.47
C VAL B 828 1.73 15.20 -31.67
N VAL B 829 0.42 15.06 -31.46
CA VAL B 829 -0.08 13.90 -30.74
C VAL B 829 0.19 12.61 -31.51
N GLU B 830 0.02 12.63 -32.83
CA GLU B 830 0.33 11.44 -33.63
C GLU B 830 1.82 11.12 -33.57
N GLU B 831 2.67 12.14 -33.60
CA GLU B 831 4.10 11.92 -33.47
C GLU B 831 4.43 11.27 -32.13
N LEU B 832 3.81 11.76 -31.06
CA LEU B 832 4.03 11.16 -29.74
C LEU B 832 3.53 9.72 -29.70
N THR B 833 2.40 9.46 -30.34
CA THR B 833 1.84 8.11 -30.35
C THR B 833 2.73 7.14 -31.13
N ARG B 834 3.36 7.62 -32.20
CA ARG B 834 4.14 6.73 -33.06
C ARG B 834 5.32 6.09 -32.34
N ILE B 835 5.72 6.61 -31.17
CA ILE B 835 6.90 6.05 -30.49
C ILE B 835 6.61 4.63 -30.02
N HIS B 836 5.39 4.36 -29.59
CA HIS B 836 5.03 3.02 -29.12
C HIS B 836 4.03 2.37 -30.06
N PHE C 4 -22.86 -34.11 -6.01
CA PHE C 4 -22.62 -32.86 -6.72
C PHE C 4 -23.48 -32.77 -7.97
N LEU C 5 -24.62 -33.47 -7.95
CA LEU C 5 -25.50 -33.46 -9.11
C LEU C 5 -25.86 -32.03 -9.48
N LYS C 6 -26.33 -31.85 -10.72
CA LYS C 6 -26.49 -30.52 -11.31
C LYS C 6 -27.92 -30.31 -11.76
N GLY C 7 -28.51 -29.22 -11.32
CA GLY C 7 -29.77 -28.70 -11.82
C GLY C 7 -29.60 -27.21 -11.99
N LEU C 8 -28.38 -26.82 -12.38
CA LEU C 8 -27.88 -25.45 -12.27
C LEU C 8 -28.88 -24.42 -12.81
N PRO C 9 -28.83 -23.18 -12.33
CA PRO C 9 -29.79 -22.18 -12.78
C PRO C 9 -29.65 -21.89 -14.28
N VAL C 10 -30.78 -21.56 -14.89
CA VAL C 10 -30.83 -21.11 -16.28
C VAL C 10 -31.58 -19.78 -16.30
N TYR C 11 -30.85 -18.68 -16.40
CA TYR C 11 -31.50 -17.37 -16.45
C TYR C 11 -32.11 -17.12 -17.82
N ASN C 12 -31.43 -17.55 -18.88
CA ASN C 12 -31.94 -17.49 -20.24
C ASN C 12 -31.57 -18.78 -20.95
N LYS C 13 -32.60 -19.53 -21.37
CA LYS C 13 -32.36 -20.85 -21.96
C LYS C 13 -31.52 -20.78 -23.23
N SER C 14 -31.40 -19.61 -23.86
CA SER C 14 -30.70 -19.47 -25.12
C SER C 14 -29.28 -18.94 -24.98
N ASN C 15 -28.92 -18.38 -23.82
CA ASN C 15 -27.58 -17.85 -23.65
C ASN C 15 -26.55 -18.96 -23.78
N PHE C 16 -25.44 -18.65 -24.45
CA PHE C 16 -24.35 -19.58 -24.71
C PHE C 16 -24.77 -20.77 -25.57
N SER C 17 -25.96 -20.74 -26.14
CA SER C 17 -26.42 -21.85 -26.97
C SER C 17 -25.73 -21.90 -28.32
N ARG C 18 -25.18 -20.77 -28.78
CA ARG C 18 -24.51 -20.68 -30.07
C ARG C 18 -23.05 -20.27 -29.88
N PHE C 19 -22.40 -20.82 -28.85
CA PHE C 19 -21.00 -20.48 -28.60
C PHE C 19 -20.11 -20.90 -29.76
N HIS C 20 -20.31 -22.10 -30.27
CA HIS C 20 -19.54 -22.63 -31.39
C HIS C 20 -20.37 -22.76 -32.66
N ALA C 21 -21.56 -22.15 -32.69
CA ALA C 21 -22.43 -22.22 -33.86
C ALA C 21 -22.81 -23.67 -34.17
N ARG C 30 -11.76 -9.57 -28.60
CA ARG C 30 -11.90 -8.15 -28.92
C ARG C 30 -12.26 -7.35 -27.67
N ARG C 31 -11.31 -6.57 -27.18
CA ARG C 31 -11.54 -5.78 -25.98
C ARG C 31 -12.58 -4.69 -26.28
N PRO C 32 -13.37 -4.28 -25.29
CA PRO C 32 -14.42 -3.30 -25.55
C PRO C 32 -13.84 -1.94 -25.93
N SER C 33 -14.62 -1.19 -26.71
CA SER C 33 -14.22 0.16 -27.08
C SER C 33 -14.18 1.05 -25.84
N VAL C 34 -13.14 1.89 -25.76
CA VAL C 34 -12.99 2.76 -24.60
C VAL C 34 -14.10 3.81 -24.59
N TYR C 35 -14.46 4.25 -23.39
CA TYR C 35 -15.50 5.25 -23.18
C TYR C 35 -14.86 6.51 -22.63
N LEU C 36 -14.88 7.59 -23.42
CA LEU C 36 -14.35 8.88 -23.01
C LEU C 36 -15.47 9.90 -23.12
N PRO C 37 -16.02 10.40 -22.01
CA PRO C 37 -17.16 11.30 -22.10
C PRO C 37 -16.76 12.75 -22.25
N THR C 38 -17.48 13.44 -23.13
CA THR C 38 -17.29 14.88 -23.31
C THR C 38 -18.29 15.68 -22.49
N ARG C 39 -19.55 15.26 -22.49
CA ARG C 39 -20.59 15.92 -21.71
C ARG C 39 -20.66 15.33 -20.32
N GLU C 40 -21.23 16.09 -19.39
CA GLU C 40 -21.38 15.64 -18.02
C GLU C 40 -22.67 16.21 -17.45
N TYR C 41 -23.38 15.36 -16.69
CA TYR C 41 -24.61 15.76 -16.04
C TYR C 41 -24.37 16.00 -14.56
N PRO C 42 -25.13 16.88 -13.92
CA PRO C 42 -24.91 17.15 -12.50
C PRO C 42 -25.04 15.90 -11.66
N SER C 43 -24.17 15.77 -10.66
CA SER C 43 -24.22 14.61 -9.78
C SER C 43 -25.51 14.59 -8.99
N GLU C 44 -26.18 13.43 -8.97
CA GLU C 44 -27.44 13.32 -8.25
C GLU C 44 -27.27 13.52 -6.76
N GLN C 45 -26.08 13.22 -6.23
CA GLN C 45 -25.84 13.31 -4.80
C GLN C 45 -24.34 13.43 -4.56
N ILE C 46 -23.98 13.67 -3.30
CA ILE C 46 -22.59 13.82 -2.89
C ILE C 46 -22.37 12.99 -1.63
N ILE C 47 -21.17 12.45 -1.52
CA ILE C 47 -20.76 11.63 -0.39
C ILE C 47 -19.77 12.46 0.43
N VAL C 48 -20.06 12.65 1.71
CA VAL C 48 -19.21 13.41 2.61
C VAL C 48 -18.95 12.56 3.85
N THR C 49 -17.68 12.45 4.22
CA THR C 49 -17.32 11.74 5.45
C THR C 49 -17.54 12.65 6.65
N GLU C 50 -17.75 12.04 7.80
CA GLU C 50 -17.92 12.77 9.05
C GLU C 50 -16.56 12.99 9.70
N LYS C 51 -16.18 14.26 9.84
CA LYS C 51 -14.88 14.61 10.40
C LYS C 51 -14.89 14.69 11.92
N THR C 52 -16.05 14.86 12.53
CA THR C 52 -16.12 14.97 13.98
C THR C 52 -15.64 13.69 14.63
N ASN C 53 -14.78 13.83 15.65
CA ASN C 53 -14.29 12.67 16.37
C ASN C 53 -15.45 11.90 16.99
N ILE C 54 -15.41 10.57 16.84
CA ILE C 54 -16.46 9.73 17.39
C ILE C 54 -16.56 9.82 18.90
N LEU C 55 -15.43 10.05 19.60
CA LEU C 55 -15.49 10.27 21.03
C LEU C 55 -16.34 11.49 21.37
N LEU C 56 -16.13 12.59 20.63
CA LEU C 56 -16.91 13.79 20.87
C LEU C 56 -18.39 13.52 20.61
N ARG C 57 -18.70 12.78 19.55
CA ARG C 57 -20.09 12.46 19.25
C ARG C 57 -20.71 11.62 20.36
N TYR C 58 -19.98 10.62 20.84
CA TYR C 58 -20.48 9.77 21.92
C TYR C 58 -20.78 10.59 23.17
N LEU C 59 -19.83 11.44 23.58
CA LEU C 59 -20.03 12.22 24.79
C LEU C 59 -21.16 13.23 24.60
N HIS C 60 -21.26 13.84 23.43
CA HIS C 60 -22.36 14.78 23.17
C HIS C 60 -23.70 14.07 23.25
N GLN C 61 -23.77 12.86 22.68
CA GLN C 61 -25.02 12.10 22.75
C GLN C 61 -25.37 11.77 24.18
N GLN C 62 -24.39 11.33 24.97
CA GLN C 62 -24.65 11.01 26.37
C GLN C 62 -25.15 12.24 27.13
N TRP C 63 -24.50 13.39 26.92
CA TRP C 63 -24.92 14.59 27.61
C TRP C 63 -26.30 15.05 27.17
N ASP C 64 -26.60 14.94 25.88
CA ASP C 64 -27.94 15.30 25.41
C ASP C 64 -28.99 14.39 26.02
N LYS C 65 -28.72 13.10 26.10
CA LYS C 65 -29.65 12.19 26.75
C LYS C 65 -29.85 12.55 28.21
N LYS C 66 -28.76 12.88 28.91
CA LYS C 66 -28.88 13.26 30.32
C LYS C 66 -29.70 14.54 30.48
N ASN C 67 -29.52 15.51 29.56
CA ASN C 67 -30.24 16.77 29.69
C ASN C 67 -31.74 16.57 29.59
N ALA C 68 -32.20 15.75 28.67
CA ALA C 68 -33.62 15.51 28.48
C ALA C 68 -34.25 14.90 29.73
#